data_308D
# 
_entry.id   308D 
# 
_audit_conform.dict_name       mmcif_pdbx.dic 
_audit_conform.dict_version    5.389 
_audit_conform.dict_location   http://mmcif.pdb.org/dictionaries/ascii/mmcif_pdbx.dic 
# 
loop_
_database_2.database_id 
_database_2.database_code 
_database_2.pdbx_database_accession 
_database_2.pdbx_DOI 
PDB   308D         pdb_0000308d 10.2210/pdb308d/pdb 
RCSB  DDFB70       ?            ?                   
WWPDB D_1000178776 ?            ?                   
# 
loop_
_pdbx_audit_revision_history.ordinal 
_pdbx_audit_revision_history.data_content_type 
_pdbx_audit_revision_history.major_revision 
_pdbx_audit_revision_history.minor_revision 
_pdbx_audit_revision_history.revision_date 
1 'Structure model' 1 0 1997-01-21 
2 'Structure model' 1 1 2008-05-22 
3 'Structure model' 1 2 2011-07-13 
4 'Structure model' 1 3 2020-07-29 
5 'Structure model' 1 4 2024-02-21 
6 'Structure model' 1 5 2024-04-03 
# 
loop_
_pdbx_audit_revision_details.ordinal 
_pdbx_audit_revision_details.revision_ordinal 
_pdbx_audit_revision_details.data_content_type 
_pdbx_audit_revision_details.provider 
_pdbx_audit_revision_details.type 
_pdbx_audit_revision_details.description 
_pdbx_audit_revision_details.details 
1 1 'Structure model' repository 'Initial release' ?                          ? 
2 4 'Structure model' repository Remediation       'Carbohydrate remediation' ? 
# 
loop_
_pdbx_audit_revision_group.ordinal 
_pdbx_audit_revision_group.revision_ordinal 
_pdbx_audit_revision_group.data_content_type 
_pdbx_audit_revision_group.group 
1 2 'Structure model' 'Version format compliance' 
2 3 'Structure model' 'Version format compliance' 
3 4 'Structure model' 'Data collection'           
4 4 'Structure model' 'Derived calculations'      
5 4 'Structure model' 'Structure summary'         
6 5 'Structure model' 'Data collection'           
7 5 'Structure model' 'Database references'       
8 5 'Structure model' 'Structure summary'         
9 6 'Structure model' 'Refinement description'    
# 
loop_
_pdbx_audit_revision_category.ordinal 
_pdbx_audit_revision_category.revision_ordinal 
_pdbx_audit_revision_category.data_content_type 
_pdbx_audit_revision_category.category 
1  4 'Structure model' chem_comp                     
2  4 'Structure model' entity                        
3  4 'Structure model' pdbx_chem_comp_identifier     
4  4 'Structure model' pdbx_entity_nonpoly           
5  4 'Structure model' pdbx_struct_conn_angle        
6  4 'Structure model' struct_conn                   
7  4 'Structure model' struct_site                   
8  4 'Structure model' struct_site_gen               
9  5 'Structure model' chem_comp                     
10 5 'Structure model' chem_comp_atom                
11 5 'Structure model' chem_comp_bond                
12 5 'Structure model' database_2                    
13 6 'Structure model' pdbx_initial_refinement_model 
# 
loop_
_pdbx_audit_revision_item.ordinal 
_pdbx_audit_revision_item.revision_ordinal 
_pdbx_audit_revision_item.data_content_type 
_pdbx_audit_revision_item.item 
1  4 'Structure model' '_chem_comp.name'                             
2  4 'Structure model' '_chem_comp.type'                             
3  4 'Structure model' '_entity.pdbx_description'                    
4  4 'Structure model' '_pdbx_entity_nonpoly.name'                   
5  4 'Structure model' '_pdbx_struct_conn_angle.ptnr1_auth_asym_id'  
6  4 'Structure model' '_pdbx_struct_conn_angle.ptnr1_auth_comp_id'  
7  4 'Structure model' '_pdbx_struct_conn_angle.ptnr1_auth_seq_id'   
8  4 'Structure model' '_pdbx_struct_conn_angle.ptnr1_label_asym_id' 
9  4 'Structure model' '_pdbx_struct_conn_angle.ptnr1_label_atom_id' 
10 4 'Structure model' '_pdbx_struct_conn_angle.ptnr1_label_comp_id' 
11 4 'Structure model' '_pdbx_struct_conn_angle.ptnr1_label_seq_id'  
12 4 'Structure model' '_pdbx_struct_conn_angle.ptnr2_auth_asym_id'  
13 4 'Structure model' '_pdbx_struct_conn_angle.ptnr2_auth_seq_id'   
14 4 'Structure model' '_pdbx_struct_conn_angle.ptnr2_label_asym_id' 
15 4 'Structure model' '_pdbx_struct_conn_angle.ptnr3_auth_asym_id'  
16 4 'Structure model' '_pdbx_struct_conn_angle.ptnr3_auth_comp_id'  
17 4 'Structure model' '_pdbx_struct_conn_angle.ptnr3_auth_seq_id'   
18 4 'Structure model' '_pdbx_struct_conn_angle.ptnr3_label_asym_id' 
19 4 'Structure model' '_pdbx_struct_conn_angle.ptnr3_label_atom_id' 
20 4 'Structure model' '_pdbx_struct_conn_angle.ptnr3_label_comp_id' 
21 4 'Structure model' '_pdbx_struct_conn_angle.ptnr3_label_seq_id'  
22 4 'Structure model' '_pdbx_struct_conn_angle.value'               
23 4 'Structure model' '_struct_conn.pdbx_dist_value'                
24 4 'Structure model' '_struct_conn.pdbx_leaving_atom_flag'         
25 4 'Structure model' '_struct_conn.ptnr1_auth_asym_id'             
26 4 'Structure model' '_struct_conn.ptnr1_auth_comp_id'             
27 4 'Structure model' '_struct_conn.ptnr1_auth_seq_id'              
28 4 'Structure model' '_struct_conn.ptnr1_label_asym_id'            
29 4 'Structure model' '_struct_conn.ptnr1_label_atom_id'            
30 4 'Structure model' '_struct_conn.ptnr1_label_comp_id'            
31 4 'Structure model' '_struct_conn.ptnr1_label_seq_id'             
32 4 'Structure model' '_struct_conn.ptnr2_auth_asym_id'             
33 4 'Structure model' '_struct_conn.ptnr2_auth_comp_id'             
34 4 'Structure model' '_struct_conn.ptnr2_auth_seq_id'              
35 4 'Structure model' '_struct_conn.ptnr2_label_asym_id'            
36 4 'Structure model' '_struct_conn.ptnr2_label_atom_id'            
37 4 'Structure model' '_struct_conn.ptnr2_label_comp_id'            
38 4 'Structure model' '_struct_conn.ptnr2_label_seq_id'             
39 5 'Structure model' '_chem_comp.pdbx_synonyms'                    
40 5 'Structure model' '_database_2.pdbx_DOI'                        
41 5 'Structure model' '_database_2.pdbx_database_accession'         
# 
_pdbx_database_status.status_code                     REL 
_pdbx_database_status.entry_id                        308D 
_pdbx_database_status.recvd_initial_deposition_date   1997-01-15 
_pdbx_database_status.deposit_site                    NDB 
_pdbx_database_status.process_site                    NDB 
_pdbx_database_status.status_code_sf                  REL 
_pdbx_database_status.status_code_mr                  ? 
_pdbx_database_status.SG_entry                        ? 
_pdbx_database_status.pdb_format_compatible           Y 
_pdbx_database_status.status_code_cs                  ? 
_pdbx_database_status.status_code_nmr_data            ? 
_pdbx_database_status.methods_development_category    ? 
# 
loop_
_audit_author.name 
_audit_author.pdbx_ordinal 
'Gao, Y.-G.'          1 
'Robinson, H.'        2 
'Wijsman, E.R.'       3 
'Van Der Marel, G.A.' 4 
'Van Boom, J.H.'      5 
'Wang, A.H.-J.'       6 
# 
_citation.id                        primary 
_citation.title                     
'Binding of Daunomycin to beta-D-Glucosylated DNA Found in Protozoa Trypanosoma brucei Studied by X-Ray Crystallography' 
_citation.journal_abbrev            J.Am.Chem.Soc. 
_citation.journal_volume            119 
_citation.page_first                1496 
_citation.page_last                 1497 
_citation.year                      1997 
_citation.journal_id_ASTM           JACSAT 
_citation.country                   US 
_citation.journal_id_ISSN           0002-7863 
_citation.journal_id_CSD            0004 
_citation.book_publisher            ? 
_citation.pdbx_database_id_PubMed   -1 
_citation.pdbx_database_id_DOI      ? 
# 
loop_
_citation_author.citation_id 
_citation_author.name 
_citation_author.ordinal 
_citation_author.identifier_ORCID 
primary 'Gao, Y.-G.'          1 ? 
primary 'Robinson, H.'        2 ? 
primary 'Wijsman, E.R.'       3 ? 
primary 'Van Der Marel, G.A.' 4 ? 
primary 'Van Boom, J.H.'      5 ? 
primary 'Wang, A.H.-J.'       6 ? 
# 
loop_
_entity.id 
_entity.type 
_entity.src_method 
_entity.pdbx_description 
_entity.formula_weight 
_entity.pdbx_number_of_molecules 
_entity.pdbx_ec 
_entity.pdbx_mutation 
_entity.pdbx_fragment 
_entity.details 
1 polymer     syn 
;DNA (5'-D(*CP*GP*TP*AP*CP*G)-3')
;
1809.217 2   ? ? ? ? 
2 non-polymer man beta-D-glucopyranose               180.156  2   ? ? ? ? 
3 non-polymer syn DAUNOMYCIN                         527.520  2   ? ? ? ? 
4 non-polymer syn 'MAGNESIUM ION'                    24.305   3   ? ? ? ? 
5 water       nat water                              18.015   105 ? ? ? ? 
# 
_entity_poly.entity_id                      1 
_entity_poly.type                           polydeoxyribonucleotide 
_entity_poly.nstd_linkage                   no 
_entity_poly.nstd_monomer                   no 
_entity_poly.pdbx_seq_one_letter_code       '(DC)(DG)(DT)(DA)(DC)(DG)' 
_entity_poly.pdbx_seq_one_letter_code_can   CGTACG 
_entity_poly.pdbx_strand_id                 A,B 
_entity_poly.pdbx_target_identifier         ? 
# 
loop_
_pdbx_entity_nonpoly.entity_id 
_pdbx_entity_nonpoly.name 
_pdbx_entity_nonpoly.comp_id 
2 beta-D-glucopyranose BGC 
3 DAUNOMYCIN           DM1 
4 'MAGNESIUM ION'      MG  
5 water                HOH 
# 
loop_
_entity_poly_seq.entity_id 
_entity_poly_seq.num 
_entity_poly_seq.mon_id 
_entity_poly_seq.hetero 
1 1 DC n 
1 2 DG n 
1 3 DT n 
1 4 DA n 
1 5 DC n 
1 6 DG n 
# 
loop_
_chem_comp.id 
_chem_comp.type 
_chem_comp.mon_nstd_flag 
_chem_comp.name 
_chem_comp.pdbx_synonyms 
_chem_comp.formula 
_chem_comp.formula_weight 
BGC 'D-saccharide, beta linking' . beta-D-glucopyranose                 'beta-D-glucose; D-glucose; glucose' 'C6 H12 O6'       
180.156 
DA  'DNA linking'                y "2'-DEOXYADENOSINE-5'-MONOPHOSPHATE" ?                                    'C10 H14 N5 O6 P' 
331.222 
DC  'DNA linking'                y "2'-DEOXYCYTIDINE-5'-MONOPHOSPHATE"  ?                                    'C9 H14 N3 O7 P'  
307.197 
DG  'DNA linking'                y "2'-DEOXYGUANOSINE-5'-MONOPHOSPHATE" ?                                    'C10 H14 N5 O7 P' 
347.221 
DM1 non-polymer                  . DAUNOMYCIN                           DAUNORUBICIN                         'C27 H29 N O10'   
527.520 
DT  'DNA linking'                y "THYMIDINE-5'-MONOPHOSPHATE"         ?                                    'C10 H15 N2 O8 P' 
322.208 
HOH non-polymer                  . WATER                                ?                                    'H2 O'            
18.015  
MG  non-polymer                  . 'MAGNESIUM ION'                      ?                                    'Mg 2'            
24.305  
# 
loop_
_pdbx_chem_comp_identifier.comp_id 
_pdbx_chem_comp_identifier.type 
_pdbx_chem_comp_identifier.program 
_pdbx_chem_comp_identifier.program_version 
_pdbx_chem_comp_identifier.identifier 
BGC 'CONDENSED IUPAC CARBOHYDRATE SYMBOL' GMML     1.0 DGlcpb            
BGC 'COMMON NAME'                         GMML     1.0 b-D-glucopyranose 
BGC 'IUPAC CARBOHYDRATE SYMBOL'           PDB-CARE 1.0 b-D-Glcp          
BGC 'SNFG CARBOHYDRATE SYMBOL'            GMML     1.0 Glc               
# 
loop_
_pdbx_poly_seq_scheme.asym_id 
_pdbx_poly_seq_scheme.entity_id 
_pdbx_poly_seq_scheme.seq_id 
_pdbx_poly_seq_scheme.mon_id 
_pdbx_poly_seq_scheme.ndb_seq_num 
_pdbx_poly_seq_scheme.pdb_seq_num 
_pdbx_poly_seq_scheme.auth_seq_num 
_pdbx_poly_seq_scheme.pdb_mon_id 
_pdbx_poly_seq_scheme.auth_mon_id 
_pdbx_poly_seq_scheme.pdb_strand_id 
_pdbx_poly_seq_scheme.pdb_ins_code 
_pdbx_poly_seq_scheme.hetero 
A 1 1 DC 1 1  1  DC DC A . n 
A 1 2 DG 2 2  2  DG DG A . n 
A 1 3 DT 3 3  3  DT DT A . n 
A 1 4 DA 4 4  4  DA DA A . n 
A 1 5 DC 5 5  5  DC DC A . n 
A 1 6 DG 6 6  6  DG DG A . n 
B 1 1 DC 1 7  7  DC DC B . n 
B 1 2 DG 2 8  8  DG DG B . n 
B 1 3 DT 3 9  9  DT DT B . n 
B 1 4 DA 4 10 10 DA DA B . n 
B 1 5 DC 5 11 11 DC DC B . n 
B 1 6 DG 6 12 12 DG DG B . n 
# 
loop_
_pdbx_nonpoly_scheme.asym_id 
_pdbx_nonpoly_scheme.entity_id 
_pdbx_nonpoly_scheme.mon_id 
_pdbx_nonpoly_scheme.ndb_seq_num 
_pdbx_nonpoly_scheme.pdb_seq_num 
_pdbx_nonpoly_scheme.auth_seq_num 
_pdbx_nonpoly_scheme.pdb_mon_id 
_pdbx_nonpoly_scheme.auth_mon_id 
_pdbx_nonpoly_scheme.pdb_strand_id 
_pdbx_nonpoly_scheme.pdb_ins_code 
C 2 BGC 1  7   7   BGC BGC A . 
D 3 DM1 1  14  14  DM1 DM1 A . 
E 4 MG  1  16  16  MG  MG  A . 
F 4 MG  1  17  17  MG  MG  A . 
G 2 BGC 1  13  13  BGC BGC B . 
H 3 DM1 1  14  14  DM1 DM1 B . 
I 4 MG  1  15  15  MG  MG  B . 
J 5 HOH 1  18  18  HOH HOH A . 
J 5 HOH 2  19  19  HOH HOH A . 
J 5 HOH 3  22  22  HOH HOH A . 
J 5 HOH 4  23  23  HOH HOH A . 
J 5 HOH 5  24  24  HOH HOH A . 
J 5 HOH 6  25  25  HOH HOH A . 
J 5 HOH 7  27  27  HOH HOH A . 
J 5 HOH 8  29  29  HOH HOH A . 
J 5 HOH 9  30  30  HOH HOH A . 
J 5 HOH 10 31  31  HOH HOH A . 
J 5 HOH 11 32  32  HOH HOH A . 
J 5 HOH 12 34  34  HOH HOH A . 
J 5 HOH 13 35  35  HOH HOH A . 
J 5 HOH 14 36  36  HOH HOH A . 
J 5 HOH 15 37  37  HOH HOH A . 
J 5 HOH 16 38  38  HOH HOH A . 
J 5 HOH 17 39  39  HOH HOH A . 
J 5 HOH 18 41  41  HOH HOH A . 
J 5 HOH 19 42  42  HOH HOH A . 
J 5 HOH 20 44  44  HOH HOH A . 
J 5 HOH 21 47  47  HOH HOH A . 
J 5 HOH 22 48  48  HOH HOH A . 
J 5 HOH 23 50  50  HOH HOH A . 
J 5 HOH 24 51  51  HOH HOH A . 
J 5 HOH 25 52  52  HOH HOH A . 
J 5 HOH 26 56  56  HOH HOH A . 
J 5 HOH 27 57  57  HOH HOH A . 
J 5 HOH 28 58  58  HOH HOH A . 
J 5 HOH 29 59  59  HOH HOH A . 
J 5 HOH 30 60  60  HOH HOH A . 
J 5 HOH 31 61  61  HOH HOH A . 
J 5 HOH 32 62  62  HOH HOH A . 
J 5 HOH 33 64  64  HOH HOH A . 
J 5 HOH 34 65  65  HOH HOH A . 
J 5 HOH 35 66  66  HOH HOH A . 
J 5 HOH 36 68  68  HOH HOH A . 
J 5 HOH 37 69  69  HOH HOH A . 
J 5 HOH 38 70  70  HOH HOH A . 
J 5 HOH 39 71  71  HOH HOH A . 
J 5 HOH 40 72  72  HOH HOH A . 
J 5 HOH 41 73  73  HOH HOH A . 
J 5 HOH 42 74  74  HOH HOH A . 
J 5 HOH 43 75  75  HOH HOH A . 
J 5 HOH 44 76  76  HOH HOH A . 
J 5 HOH 45 81  81  HOH HOH A . 
J 5 HOH 46 83  83  HOH HOH A . 
J 5 HOH 47 84  84  HOH HOH A . 
J 5 HOH 48 87  87  HOH HOH A . 
J 5 HOH 49 92  92  HOH HOH A . 
J 5 HOH 50 93  93  HOH HOH A . 
J 5 HOH 51 94  94  HOH HOH A . 
J 5 HOH 52 95  95  HOH HOH A . 
J 5 HOH 53 96  96  HOH HOH A . 
J 5 HOH 54 97  97  HOH HOH A . 
J 5 HOH 55 98  98  HOH HOH A . 
J 5 HOH 56 99  99  HOH HOH A . 
J 5 HOH 57 100 100 HOH HOH A . 
J 5 HOH 58 103 103 HOH HOH A . 
J 5 HOH 59 106 106 HOH HOH A . 
J 5 HOH 60 107 107 HOH HOH A . 
J 5 HOH 61 108 108 HOH HOH A . 
J 5 HOH 62 113 113 HOH HOH A . 
J 5 HOH 63 114 114 HOH HOH A . 
J 5 HOH 64 115 115 HOH HOH A . 
J 5 HOH 65 116 116 HOH HOH A . 
J 5 HOH 66 117 117 HOH HOH A . 
J 5 HOH 67 118 118 HOH HOH A . 
J 5 HOH 68 119 119 HOH HOH A . 
J 5 HOH 69 120 120 HOH HOH A . 
J 5 HOH 70 121 121 HOH HOH A . 
J 5 HOH 71 122 122 HOH HOH A . 
K 5 HOH 1  20  20  HOH HOH B . 
K 5 HOH 2  21  21  HOH HOH B . 
K 5 HOH 3  26  26  HOH HOH B . 
K 5 HOH 4  28  28  HOH HOH B . 
K 5 HOH 5  33  33  HOH HOH B . 
K 5 HOH 6  40  40  HOH HOH B . 
K 5 HOH 7  43  43  HOH HOH B . 
K 5 HOH 8  45  45  HOH HOH B . 
K 5 HOH 9  46  46  HOH HOH B . 
K 5 HOH 10 49  49  HOH HOH B . 
K 5 HOH 11 53  53  HOH HOH B . 
K 5 HOH 12 54  54  HOH HOH B . 
K 5 HOH 13 55  55  HOH HOH B . 
K 5 HOH 14 63  63  HOH HOH B . 
K 5 HOH 15 67  67  HOH HOH B . 
K 5 HOH 16 77  77  HOH HOH B . 
K 5 HOH 17 78  78  HOH HOH B . 
K 5 HOH 18 79  79  HOH HOH B . 
K 5 HOH 19 80  80  HOH HOH B . 
K 5 HOH 20 82  82  HOH HOH B . 
K 5 HOH 21 85  85  HOH HOH B . 
K 5 HOH 22 86  86  HOH HOH B . 
K 5 HOH 23 88  88  HOH HOH B . 
K 5 HOH 24 89  89  HOH HOH B . 
K 5 HOH 25 90  90  HOH HOH B . 
K 5 HOH 26 91  91  HOH HOH B . 
K 5 HOH 27 101 101 HOH HOH B . 
K 5 HOH 28 102 102 HOH HOH B . 
K 5 HOH 29 104 104 HOH HOH B . 
K 5 HOH 30 105 105 HOH HOH B . 
K 5 HOH 31 109 109 HOH HOH B . 
K 5 HOH 32 110 110 HOH HOH B . 
K 5 HOH 33 111 111 HOH HOH B . 
K 5 HOH 34 112 112 HOH HOH B . 
# 
loop_
_software.name 
_software.classification 
_software.version 
_software.citation_id 
_software.pdbx_ordinal 
ULTIMA 'model building' .   ? 1 
X-PLOR refinement       3.1 ? 2 
R-AXIS 'data reduction' .   ? 3 
ULTIMA phasing          .   ? 4 
# 
_cell.entry_id           308D 
_cell.length_a           18.619 
_cell.length_b           20.096 
_cell.length_c           26.553 
_cell.angle_alpha        69.09 
_cell.angle_beta         90.40 
_cell.angle_gamma        108.03 
_cell.Z_PDB              2 
_cell.pdbx_unique_axis   ? 
_cell.length_a_esd       ? 
_cell.length_b_esd       ? 
_cell.length_c_esd       ? 
_cell.angle_alpha_esd    ? 
_cell.angle_beta_esd     ? 
_cell.angle_gamma_esd    ? 
# 
_symmetry.entry_id                         308D 
_symmetry.space_group_name_H-M             'P 1' 
_symmetry.pdbx_full_space_group_name_H-M   ? 
_symmetry.cell_setting                     ? 
_symmetry.Int_Tables_number                1 
_symmetry.space_group_name_Hall            ? 
# 
_exptl.entry_id          308D 
_exptl.method            'X-RAY DIFFRACTION' 
_exptl.crystals_number   ? 
# 
_exptl_crystal.id                    1 
_exptl_crystal.density_meas          ? 
_exptl_crystal.density_percent_sol   49.22 
_exptl_crystal.density_Matthews      2.42 
_exptl_crystal.description           ? 
_exptl_crystal.F_000                 ? 
_exptl_crystal.preparation           ? 
# 
_exptl_crystal_grow.crystal_id      1 
_exptl_crystal_grow.method          'VAPOR DIFFUSION' 
_exptl_crystal_grow.temp            293.00 
_exptl_crystal_grow.temp_details    'ROOM TEMPERATURE' 
_exptl_crystal_grow.pH              6.00 
_exptl_crystal_grow.pdbx_details    'pH 6.00, VAPOR DIFFUSION, temperature 293.00K' 
_exptl_crystal_grow.pdbx_pH_range   ? 
# 
loop_
_exptl_crystal_grow_comp.crystal_id 
_exptl_crystal_grow_comp.id 
_exptl_crystal_grow_comp.sol_id 
_exptl_crystal_grow_comp.name 
_exptl_crystal_grow_comp.volume 
_exptl_crystal_grow_comp.conc 
_exptl_crystal_grow_comp.details 
1 1 1 WATER           ? ? ? 
1 2 1 MPD             ? ? ? 
1 3 1 MGCL2           ? ? ? 
1 4 1 'NA CACODYLATE' ? ? ? 
1 5 1 SPERMINE        ? ? ? 
1 6 1 DIOXANE         ? ? ? 
1 7 2 WATER           ? ? ? 
1 8 2 MPD             ? ? ? 
# 
_diffrn.id                     1 
_diffrn.ambient_temp           293.00 
_diffrn.ambient_temp_details   ? 
_diffrn.crystal_id             1 
# 
_diffrn_detector.diffrn_id              1 
_diffrn_detector.detector               'IMAGE PLATE' 
_diffrn_detector.type                   'RIGAKU RAXIS IIC' 
_diffrn_detector.pdbx_collection_date   1996-08-26 
_diffrn_detector.details                ? 
# 
_diffrn_radiation.diffrn_id                        1 
_diffrn_radiation.wavelength_id                    1 
_diffrn_radiation.pdbx_monochromatic_or_laue_m_l   ? 
_diffrn_radiation.monochromator                    ? 
_diffrn_radiation.pdbx_diffrn_protocol             ? 
_diffrn_radiation.pdbx_scattering_type             x-ray 
# 
_diffrn_radiation_wavelength.id           1 
_diffrn_radiation_wavelength.wavelength   . 
_diffrn_radiation_wavelength.wt           1.0 
# 
_diffrn_source.diffrn_id                   1 
_diffrn_source.source                      'ROTATING ANODE' 
_diffrn_source.type                        'RIGAKU RU200' 
_diffrn_source.pdbx_synchrotron_site       ? 
_diffrn_source.pdbx_synchrotron_beamline   ? 
_diffrn_source.pdbx_wavelength             ? 
_diffrn_source.pdbx_wavelength_list        ? 
# 
_reflns.entry_id                     308D 
_reflns.observed_criterion_sigma_I   2.000 
_reflns.observed_criterion_sigma_F   ? 
_reflns.d_resolution_low             15.000 
_reflns.d_resolution_high            1.500 
_reflns.number_obs                   4688 
_reflns.number_all                   ? 
_reflns.percent_possible_obs         86.000 
_reflns.pdbx_Rmerge_I_obs            0.0960000 
_reflns.pdbx_Rsym_value              ? 
_reflns.pdbx_netI_over_sigmaI        ? 
_reflns.B_iso_Wilson_estimate        ? 
_reflns.pdbx_redundancy              ? 
_reflns.R_free_details               ? 
_reflns.pdbx_chi_squared             ? 
_reflns.pdbx_scaling_rejects         ? 
_reflns.pdbx_diffrn_id               1 
_reflns.pdbx_ordinal                 1 
# 
_refine.entry_id                                 308D 
_refine.ls_number_reflns_obs                     4678 
_refine.ls_number_reflns_all                     ? 
_refine.pdbx_ls_sigma_I                          ? 
_refine.pdbx_ls_sigma_F                          2.000 
_refine.pdbx_data_cutoff_high_absF               ? 
_refine.pdbx_data_cutoff_low_absF                ? 
_refine.pdbx_data_cutoff_high_rms_absF           ? 
_refine.ls_d_res_low                             10.000 
_refine.ls_d_res_high                            1.500 
_refine.ls_percent_reflns_obs                    ? 
_refine.ls_R_factor_obs                          0.1750000 
_refine.ls_R_factor_all                          ? 
_refine.ls_R_factor_R_work                       0.1750000 
_refine.ls_R_factor_R_free                       0.2210000 
_refine.ls_R_factor_R_free_error                 ? 
_refine.ls_R_factor_R_free_error_details         ? 
_refine.ls_percent_reflns_R_free                 ? 
_refine.ls_number_reflns_R_free                  ? 
_refine.ls_number_parameters                     ? 
_refine.ls_number_restraints                     ? 
_refine.occupancy_min                            ? 
_refine.occupancy_max                            ? 
_refine.B_iso_mean                               13.40 
_refine.aniso_B[1][1]                            ? 
_refine.aniso_B[2][2]                            ? 
_refine.aniso_B[3][3]                            ? 
_refine.aniso_B[1][2]                            ? 
_refine.aniso_B[1][3]                            ? 
_refine.aniso_B[2][3]                            ? 
_refine.solvent_model_details                    ? 
_refine.solvent_model_param_ksol                 ? 
_refine.solvent_model_param_bsol                 ? 
_refine.pdbx_ls_cross_valid_method               ? 
_refine.details                                  ? 
_refine.pdbx_starting_model                      DDF001 
_refine.pdbx_method_to_determine_struct          'MOLECULAR REPLACEMENT' 
_refine.pdbx_isotropic_thermal_model             ? 
_refine.pdbx_stereochemistry_target_values       ? 
_refine.pdbx_stereochem_target_val_spec_case     ? 
_refine.pdbx_R_Free_selection_details            ? 
_refine.pdbx_overall_ESU_R                       ? 
_refine.pdbx_overall_ESU_R_Free                  ? 
_refine.overall_SU_ML                            ? 
_refine.overall_SU_B                             ? 
_refine.ls_redundancy_reflns_obs                 ? 
_refine.pdbx_overall_phase_error                 ? 
_refine.correlation_coeff_Fo_to_Fc               ? 
_refine.correlation_coeff_Fo_to_Fc_free          ? 
_refine.pdbx_solvent_vdw_probe_radii             ? 
_refine.pdbx_solvent_ion_probe_radii             ? 
_refine.pdbx_solvent_shrinkage_radii             ? 
_refine.overall_SU_R_Cruickshank_DPI             ? 
_refine.overall_SU_R_free                        ? 
_refine.ls_wR_factor_R_free                      ? 
_refine.ls_wR_factor_R_work                      ? 
_refine.overall_FOM_free_R_set                   ? 
_refine.overall_FOM_work_R_set                   ? 
_refine.pdbx_refine_id                           'X-RAY DIFFRACTION' 
_refine.pdbx_diffrn_id                           1 
_refine.pdbx_TLS_residual_ADP_flag               ? 
_refine.pdbx_overall_SU_R_free_Cruickshank_DPI   ? 
_refine.pdbx_overall_SU_R_Blow_DPI               ? 
_refine.pdbx_overall_SU_R_free_Blow_DPI          ? 
# 
_refine_hist.pdbx_refine_id                   'X-RAY DIFFRACTION' 
_refine_hist.cycle_id                         LAST 
_refine_hist.pdbx_number_atoms_protein        0 
_refine_hist.pdbx_number_atoms_nucleic_acid   240 
_refine_hist.pdbx_number_atoms_ligand         103 
_refine_hist.number_atoms_solvent             105 
_refine_hist.number_atoms_total               448 
_refine_hist.d_res_high                       1.500 
_refine_hist.d_res_low                        10.000 
# 
loop_
_refine_ls_restr.type 
_refine_ls_restr.dev_ideal 
_refine_ls_restr.dev_ideal_target 
_refine_ls_restr.weight 
_refine_ls_restr.number 
_refine_ls_restr.pdbx_refine_id 
_refine_ls_restr.pdbx_restraint_function 
x_bond_d                0.019 ? ? ? 'X-RAY DIFFRACTION' ? 
x_bond_d_na             ?     ? ? ? 'X-RAY DIFFRACTION' ? 
x_bond_d_prot           ?     ? ? ? 'X-RAY DIFFRACTION' ? 
x_angle_d               ?     ? ? ? 'X-RAY DIFFRACTION' ? 
x_angle_d_na            ?     ? ? ? 'X-RAY DIFFRACTION' ? 
x_angle_d_prot          ?     ? ? ? 'X-RAY DIFFRACTION' ? 
x_angle_deg             3.10  ? ? ? 'X-RAY DIFFRACTION' ? 
x_angle_deg_na          ?     ? ? ? 'X-RAY DIFFRACTION' ? 
x_angle_deg_prot        ?     ? ? ? 'X-RAY DIFFRACTION' ? 
x_dihedral_angle_d      ?     ? ? ? 'X-RAY DIFFRACTION' ? 
x_dihedral_angle_d_na   ?     ? ? ? 'X-RAY DIFFRACTION' ? 
x_dihedral_angle_d_prot ?     ? ? ? 'X-RAY DIFFRACTION' ? 
x_improper_angle_d      ?     ? ? ? 'X-RAY DIFFRACTION' ? 
x_improper_angle_d_na   ?     ? ? ? 'X-RAY DIFFRACTION' ? 
x_improper_angle_d_prot ?     ? ? ? 'X-RAY DIFFRACTION' ? 
x_mcbond_it             ?     ? ? ? 'X-RAY DIFFRACTION' ? 
x_mcangle_it            ?     ? ? ? 'X-RAY DIFFRACTION' ? 
x_scbond_it             ?     ? ? ? 'X-RAY DIFFRACTION' ? 
x_scangle_it            ?     ? ? ? 'X-RAY DIFFRACTION' ? 
# 
_struct.entry_id                  308D 
_struct.title                     
'BINDING OF DAUNOMYCIN TO B-D-GLUCOSYLATED DNA FOUND IN PROTOZOA TRYPANOSOMA BRUCEI STUDIED BY X-RAY CRYSTALLOGRAPH' 
_struct.pdbx_model_details        ? 
_struct.pdbx_CASP_flag            ? 
_struct.pdbx_model_type_details   ? 
# 
_struct_keywords.entry_id        308D 
_struct_keywords.pdbx_keywords   DNA 
_struct_keywords.text            'RIGHT HANDED DNA, DOUBLE HELIX, COMPLEXED WITH DRUG, MODIFIED, DNA' 
# 
loop_
_struct_asym.id 
_struct_asym.pdbx_blank_PDB_chainid_flag 
_struct_asym.pdbx_modified 
_struct_asym.entity_id 
_struct_asym.details 
A N N 1 ? 
B N N 1 ? 
C N N 2 ? 
D N N 3 ? 
E N N 4 ? 
F N N 4 ? 
G N N 2 ? 
H N N 3 ? 
I N N 4 ? 
J N N 5 ? 
K N N 5 ? 
# 
_struct_ref.id                         1 
_struct_ref.entity_id                  1 
_struct_ref.db_name                    PDB 
_struct_ref.db_code                    308D 
_struct_ref.pdbx_db_accession          308D 
_struct_ref.pdbx_db_isoform            ? 
_struct_ref.pdbx_seq_one_letter_code   ? 
_struct_ref.pdbx_align_begin           ? 
# 
loop_
_struct_ref_seq.align_id 
_struct_ref_seq.ref_id 
_struct_ref_seq.pdbx_PDB_id_code 
_struct_ref_seq.pdbx_strand_id 
_struct_ref_seq.seq_align_beg 
_struct_ref_seq.pdbx_seq_align_beg_ins_code 
_struct_ref_seq.seq_align_end 
_struct_ref_seq.pdbx_seq_align_end_ins_code 
_struct_ref_seq.pdbx_db_accession 
_struct_ref_seq.db_align_beg 
_struct_ref_seq.pdbx_db_align_beg_ins_code 
_struct_ref_seq.db_align_end 
_struct_ref_seq.pdbx_db_align_end_ins_code 
_struct_ref_seq.pdbx_auth_seq_align_beg 
_struct_ref_seq.pdbx_auth_seq_align_end 
1 1 308D A 1 ? 6 ? 308D 1 ? 6  ? 1 6  
2 1 308D B 1 ? 6 ? 308D 7 ? 12 ? 7 12 
# 
_pdbx_struct_assembly.id                   1 
_pdbx_struct_assembly.details              author_defined_assembly 
_pdbx_struct_assembly.method_details       ? 
_pdbx_struct_assembly.oligomeric_details   dimeric 
_pdbx_struct_assembly.oligomeric_count     2 
# 
_pdbx_struct_assembly_gen.assembly_id       1 
_pdbx_struct_assembly_gen.oper_expression   1 
_pdbx_struct_assembly_gen.asym_id_list      A,B,C,D,E,F,G,H,I,J,K 
# 
_pdbx_struct_oper_list.id                   1 
_pdbx_struct_oper_list.type                 'identity operation' 
_pdbx_struct_oper_list.name                 1_555 
_pdbx_struct_oper_list.symmetry_operation   x,y,z 
_pdbx_struct_oper_list.matrix[1][1]         1.0000000000 
_pdbx_struct_oper_list.matrix[1][2]         0.0000000000 
_pdbx_struct_oper_list.matrix[1][3]         0.0000000000 
_pdbx_struct_oper_list.vector[1]            0.0000000000 
_pdbx_struct_oper_list.matrix[2][1]         0.0000000000 
_pdbx_struct_oper_list.matrix[2][2]         1.0000000000 
_pdbx_struct_oper_list.matrix[2][3]         0.0000000000 
_pdbx_struct_oper_list.vector[2]            0.0000000000 
_pdbx_struct_oper_list.matrix[3][1]         0.0000000000 
_pdbx_struct_oper_list.matrix[3][2]         0.0000000000 
_pdbx_struct_oper_list.matrix[3][3]         1.0000000000 
_pdbx_struct_oper_list.vector[3]            0.0000000000 
# 
_struct_biol.id        1 
_struct_biol.details   ? 
# 
loop_
_struct_conn.id 
_struct_conn.conn_type_id 
_struct_conn.pdbx_leaving_atom_flag 
_struct_conn.pdbx_PDB_id 
_struct_conn.ptnr1_label_asym_id 
_struct_conn.ptnr1_label_comp_id 
_struct_conn.ptnr1_label_seq_id 
_struct_conn.ptnr1_label_atom_id 
_struct_conn.pdbx_ptnr1_label_alt_id 
_struct_conn.pdbx_ptnr1_PDB_ins_code 
_struct_conn.pdbx_ptnr1_standard_comp_id 
_struct_conn.ptnr1_symmetry 
_struct_conn.ptnr2_label_asym_id 
_struct_conn.ptnr2_label_comp_id 
_struct_conn.ptnr2_label_seq_id 
_struct_conn.ptnr2_label_atom_id 
_struct_conn.pdbx_ptnr2_label_alt_id 
_struct_conn.pdbx_ptnr2_PDB_ins_code 
_struct_conn.ptnr1_auth_asym_id 
_struct_conn.ptnr1_auth_comp_id 
_struct_conn.ptnr1_auth_seq_id 
_struct_conn.ptnr2_auth_asym_id 
_struct_conn.ptnr2_auth_comp_id 
_struct_conn.ptnr2_auth_seq_id 
_struct_conn.ptnr2_symmetry 
_struct_conn.pdbx_ptnr3_label_atom_id 
_struct_conn.pdbx_ptnr3_label_seq_id 
_struct_conn.pdbx_ptnr3_label_comp_id 
_struct_conn.pdbx_ptnr3_label_asym_id 
_struct_conn.pdbx_ptnr3_label_alt_id 
_struct_conn.pdbx_ptnr3_PDB_ins_code 
_struct_conn.details 
_struct_conn.pdbx_dist_value 
_struct_conn.pdbx_value_order 
_struct_conn.pdbx_role 
covale1  covale one ? A DT  3 C7  ? ? ? 1_555 C BGC . O1 ? ? A DT  3   A BGC 7   1_555 ? ? ? ? ? ? ?            1.409 ? ? 
covale2  covale one ? B DT  3 C7  ? ? ? 1_555 G BGC . O1 ? ? B DT  9   B BGC 13  1_555 ? ? ? ? ? ? ?            1.400 ? ? 
metalc1  metalc ?   ? A DT  3 OP1 ? ? ? 1_555 E MG  . MG ? ? A DT  3   A MG  16  1_555 ? ? ? ? ? ? ?            2.204 ? ? 
metalc2  metalc ?   ? A DA  4 OP2 ? ? ? 1_555 F MG  . MG ? ? A DA  4   A MG  17  1_555 ? ? ? ? ? ? ?            2.237 ? ? 
metalc3  metalc ?   ? E MG  . MG  ? ? ? 1_555 J HOH . O  ? ? A MG  16  A HOH 113 1_555 ? ? ? ? ? ? ?            1.953 ? ? 
metalc4  metalc ?   ? E MG  . MG  ? ? ? 1_555 J HOH . O  ? ? A MG  16  A HOH 114 1_555 ? ? ? ? ? ? ?            1.954 ? ? 
metalc5  metalc ?   ? E MG  . MG  ? ? ? 1_555 J HOH . O  ? ? A MG  16  A HOH 115 1_555 ? ? ? ? ? ? ?            1.944 ? ? 
metalc6  metalc ?   ? E MG  . MG  ? ? ? 1_555 J HOH . O  ? ? A MG  16  A HOH 116 1_555 ? ? ? ? ? ? ?            1.892 ? ? 
metalc7  metalc ?   ? E MG  . MG  ? ? ? 1_555 J HOH . O  ? ? A MG  16  A HOH 117 1_555 ? ? ? ? ? ? ?            1.934 ? ? 
metalc8  metalc ?   ? F MG  . MG  ? ? ? 1_555 J HOH . O  ? ? A MG  17  A HOH 118 1_555 ? ? ? ? ? ? ?            1.945 ? ? 
metalc9  metalc ?   ? F MG  . MG  ? ? ? 1_555 J HOH . O  ? ? A MG  17  A HOH 119 1_555 ? ? ? ? ? ? ?            1.943 ? ? 
metalc10 metalc ?   ? F MG  . MG  ? ? ? 1_555 J HOH . O  ? ? A MG  17  A HOH 120 1_555 ? ? ? ? ? ? ?            1.930 ? ? 
metalc11 metalc ?   ? F MG  . MG  ? ? ? 1_555 J HOH . O  ? ? A MG  17  A HOH 121 1_555 ? ? ? ? ? ? ?            1.938 ? ? 
metalc12 metalc ?   ? F MG  . MG  ? ? ? 1_555 J HOH . O  ? ? A MG  17  A HOH 122 1_555 ? ? ? ? ? ? ?            1.951 ? ? 
metalc13 metalc ?   ? J HOH . O   ? ? ? 1_555 I MG  . MG ? ? A HOH 107 B MG  15  1_555 ? ? ? ? ? ? ?            1.924 ? ? 
metalc14 metalc ?   ? J HOH . O   ? ? ? 1_555 I MG  . MG ? ? A HOH 108 B MG  15  1_555 ? ? ? ? ? ? ?            1.954 ? ? 
metalc15 metalc ?   ? I MG  . MG  ? ? ? 1_555 K HOH . O  ? ? B MG  15  B HOH 109 1_555 ? ? ? ? ? ? ?            1.926 ? ? 
metalc16 metalc ?   ? I MG  . MG  ? ? ? 1_555 K HOH . O  ? ? B MG  15  B HOH 110 1_555 ? ? ? ? ? ? ?            1.907 ? ? 
metalc17 metalc ?   ? I MG  . MG  ? ? ? 1_555 K HOH . O  ? ? B MG  15  B HOH 111 1_555 ? ? ? ? ? ? ?            1.892 ? ? 
metalc18 metalc ?   ? I MG  . MG  ? ? ? 1_555 K HOH . O  ? ? B MG  15  B HOH 112 1_555 ? ? ? ? ? ? ?            1.950 ? ? 
hydrog1  hydrog ?   ? A DC  1 N3  ? ? ? 1_555 B DG  6 N1 ? ? A DC  1   B DG  12  1_555 ? ? ? ? ? ? WATSON-CRICK ?     ? ? 
hydrog2  hydrog ?   ? A DC  1 N4  ? ? ? 1_555 B DG  6 O6 ? ? A DC  1   B DG  12  1_555 ? ? ? ? ? ? WATSON-CRICK ?     ? ? 
hydrog3  hydrog ?   ? A DC  1 O2  ? ? ? 1_555 B DG  6 N2 ? ? A DC  1   B DG  12  1_555 ? ? ? ? ? ? WATSON-CRICK ?     ? ? 
hydrog4  hydrog ?   ? A DG  2 N1  ? ? ? 1_555 B DC  5 N3 ? ? A DG  2   B DC  11  1_555 ? ? ? ? ? ? WATSON-CRICK ?     ? ? 
hydrog5  hydrog ?   ? A DG  2 N2  ? ? ? 1_555 B DC  5 O2 ? ? A DG  2   B DC  11  1_555 ? ? ? ? ? ? WATSON-CRICK ?     ? ? 
hydrog6  hydrog ?   ? A DG  2 O6  ? ? ? 1_555 B DC  5 N4 ? ? A DG  2   B DC  11  1_555 ? ? ? ? ? ? WATSON-CRICK ?     ? ? 
hydrog7  hydrog ?   ? A DT  3 N3  ? ? ? 1_555 B DA  4 N1 ? ? A DT  3   B DA  10  1_555 ? ? ? ? ? ? WATSON-CRICK ?     ? ? 
hydrog8  hydrog ?   ? A DT  3 O4  ? ? ? 1_555 B DA  4 N6 ? ? A DT  3   B DA  10  1_555 ? ? ? ? ? ? WATSON-CRICK ?     ? ? 
hydrog9  hydrog ?   ? A DA  4 N1  ? ? ? 1_555 B DT  3 N3 ? ? A DA  4   B DT  9   1_555 ? ? ? ? ? ? WATSON-CRICK ?     ? ? 
hydrog10 hydrog ?   ? A DA  4 N6  ? ? ? 1_555 B DT  3 O4 ? ? A DA  4   B DT  9   1_555 ? ? ? ? ? ? WATSON-CRICK ?     ? ? 
hydrog11 hydrog ?   ? A DC  5 N3  ? ? ? 1_555 B DG  2 N1 ? ? A DC  5   B DG  8   1_555 ? ? ? ? ? ? WATSON-CRICK ?     ? ? 
hydrog12 hydrog ?   ? A DC  5 N4  ? ? ? 1_555 B DG  2 O6 ? ? A DC  5   B DG  8   1_555 ? ? ? ? ? ? WATSON-CRICK ?     ? ? 
hydrog13 hydrog ?   ? A DC  5 O2  ? ? ? 1_555 B DG  2 N2 ? ? A DC  5   B DG  8   1_555 ? ? ? ? ? ? WATSON-CRICK ?     ? ? 
hydrog14 hydrog ?   ? A DG  6 N1  ? ? ? 1_555 B DC  1 N3 ? ? A DG  6   B DC  7   1_555 ? ? ? ? ? ? WATSON-CRICK ?     ? ? 
hydrog15 hydrog ?   ? A DG  6 N2  ? ? ? 1_555 B DC  1 O2 ? ? A DG  6   B DC  7   1_555 ? ? ? ? ? ? WATSON-CRICK ?     ? ? 
hydrog16 hydrog ?   ? A DG  6 O6  ? ? ? 1_555 B DC  1 N4 ? ? A DG  6   B DC  7   1_555 ? ? ? ? ? ? WATSON-CRICK ?     ? ? 
# 
loop_
_struct_conn_type.id 
_struct_conn_type.criteria 
_struct_conn_type.reference 
covale ? ? 
metalc ? ? 
hydrog ? ? 
# 
loop_
_pdbx_struct_conn_angle.id 
_pdbx_struct_conn_angle.ptnr1_label_atom_id 
_pdbx_struct_conn_angle.ptnr1_label_alt_id 
_pdbx_struct_conn_angle.ptnr1_label_asym_id 
_pdbx_struct_conn_angle.ptnr1_label_comp_id 
_pdbx_struct_conn_angle.ptnr1_label_seq_id 
_pdbx_struct_conn_angle.ptnr1_auth_atom_id 
_pdbx_struct_conn_angle.ptnr1_auth_asym_id 
_pdbx_struct_conn_angle.ptnr1_auth_comp_id 
_pdbx_struct_conn_angle.ptnr1_auth_seq_id 
_pdbx_struct_conn_angle.ptnr1_PDB_ins_code 
_pdbx_struct_conn_angle.ptnr1_symmetry 
_pdbx_struct_conn_angle.ptnr2_label_atom_id 
_pdbx_struct_conn_angle.ptnr2_label_alt_id 
_pdbx_struct_conn_angle.ptnr2_label_asym_id 
_pdbx_struct_conn_angle.ptnr2_label_comp_id 
_pdbx_struct_conn_angle.ptnr2_label_seq_id 
_pdbx_struct_conn_angle.ptnr2_auth_atom_id 
_pdbx_struct_conn_angle.ptnr2_auth_asym_id 
_pdbx_struct_conn_angle.ptnr2_auth_comp_id 
_pdbx_struct_conn_angle.ptnr2_auth_seq_id 
_pdbx_struct_conn_angle.ptnr2_PDB_ins_code 
_pdbx_struct_conn_angle.ptnr2_symmetry 
_pdbx_struct_conn_angle.ptnr3_label_atom_id 
_pdbx_struct_conn_angle.ptnr3_label_alt_id 
_pdbx_struct_conn_angle.ptnr3_label_asym_id 
_pdbx_struct_conn_angle.ptnr3_label_comp_id 
_pdbx_struct_conn_angle.ptnr3_label_seq_id 
_pdbx_struct_conn_angle.ptnr3_auth_atom_id 
_pdbx_struct_conn_angle.ptnr3_auth_asym_id 
_pdbx_struct_conn_angle.ptnr3_auth_comp_id 
_pdbx_struct_conn_angle.ptnr3_auth_seq_id 
_pdbx_struct_conn_angle.ptnr3_PDB_ins_code 
_pdbx_struct_conn_angle.ptnr3_symmetry 
_pdbx_struct_conn_angle.value 
_pdbx_struct_conn_angle.value_esd 
1  OP1 ? A DT  3 ? A DT  3   ? 1_555 MG ? E MG . ? A MG 16 ? 1_555 O ? J HOH . ? A HOH 113 ? 1_555 91.8  ? 
2  OP1 ? A DT  3 ? A DT  3   ? 1_555 MG ? E MG . ? A MG 16 ? 1_555 O ? J HOH . ? A HOH 114 ? 1_555 98.3  ? 
3  O   ? J HOH . ? A HOH 113 ? 1_555 MG ? E MG . ? A MG 16 ? 1_555 O ? J HOH . ? A HOH 114 ? 1_555 169.8 ? 
4  OP1 ? A DT  3 ? A DT  3   ? 1_555 MG ? E MG . ? A MG 16 ? 1_555 O ? J HOH . ? A HOH 115 ? 1_555 89.8  ? 
5  O   ? J HOH . ? A HOH 113 ? 1_555 MG ? E MG . ? A MG 16 ? 1_555 O ? J HOH . ? A HOH 115 ? 1_555 88.3  ? 
6  O   ? J HOH . ? A HOH 114 ? 1_555 MG ? E MG . ? A MG 16 ? 1_555 O ? J HOH . ? A HOH 115 ? 1_555 90.1  ? 
7  OP1 ? A DT  3 ? A DT  3   ? 1_555 MG ? E MG . ? A MG 16 ? 1_555 O ? J HOH . ? A HOH 116 ? 1_555 175.2 ? 
8  O   ? J HOH . ? A HOH 113 ? 1_555 MG ? E MG . ? A MG 16 ? 1_555 O ? J HOH . ? A HOH 116 ? 1_555 83.5  ? 
9  O   ? J HOH . ? A HOH 114 ? 1_555 MG ? E MG . ? A MG 16 ? 1_555 O ? J HOH . ? A HOH 116 ? 1_555 86.4  ? 
10 O   ? J HOH . ? A HOH 115 ? 1_555 MG ? E MG . ? A MG 16 ? 1_555 O ? J HOH . ? A HOH 116 ? 1_555 89.0  ? 
11 OP1 ? A DT  3 ? A DT  3   ? 1_555 MG ? E MG . ? A MG 16 ? 1_555 O ? J HOH . ? A HOH 117 ? 1_555 95.1  ? 
12 O   ? J HOH . ? A HOH 113 ? 1_555 MG ? E MG . ? A MG 16 ? 1_555 O ? J HOH . ? A HOH 117 ? 1_555 92.3  ? 
13 O   ? J HOH . ? A HOH 114 ? 1_555 MG ? E MG . ? A MG 16 ? 1_555 O ? J HOH . ? A HOH 117 ? 1_555 88.4  ? 
14 O   ? J HOH . ? A HOH 115 ? 1_555 MG ? E MG . ? A MG 16 ? 1_555 O ? J HOH . ? A HOH 117 ? 1_555 175.1 ? 
15 O   ? J HOH . ? A HOH 116 ? 1_555 MG ? E MG . ? A MG 16 ? 1_555 O ? J HOH . ? A HOH 117 ? 1_555 86.2  ? 
16 OP2 ? A DA  4 ? A DA  4   ? 1_555 MG ? F MG . ? A MG 17 ? 1_555 O ? J HOH . ? A HOH 118 ? 1_555 98.4  ? 
17 OP2 ? A DA  4 ? A DA  4   ? 1_555 MG ? F MG . ? A MG 17 ? 1_555 O ? J HOH . ? A HOH 119 ? 1_555 90.9  ? 
18 O   ? J HOH . ? A HOH 118 ? 1_555 MG ? F MG . ? A MG 17 ? 1_555 O ? J HOH . ? A HOH 119 ? 1_555 170.1 ? 
19 OP2 ? A DA  4 ? A DA  4   ? 1_555 MG ? F MG . ? A MG 17 ? 1_555 O ? J HOH . ? A HOH 120 ? 1_555 96.8  ? 
20 O   ? J HOH . ? A HOH 118 ? 1_555 MG ? F MG . ? A MG 17 ? 1_555 O ? J HOH . ? A HOH 120 ? 1_555 86.6  ? 
21 O   ? J HOH . ? A HOH 119 ? 1_555 MG ? F MG . ? A MG 17 ? 1_555 O ? J HOH . ? A HOH 120 ? 1_555 89.0  ? 
22 OP2 ? A DA  4 ? A DA  4   ? 1_555 MG ? F MG . ? A MG 17 ? 1_555 O ? J HOH . ? A HOH 121 ? 1_555 174.8 ? 
23 O   ? J HOH . ? A HOH 118 ? 1_555 MG ? F MG . ? A MG 17 ? 1_555 O ? J HOH . ? A HOH 121 ? 1_555 85.9  ? 
24 O   ? J HOH . ? A HOH 119 ? 1_555 MG ? F MG . ? A MG 17 ? 1_555 O ? J HOH . ? A HOH 121 ? 1_555 85.0  ? 
25 O   ? J HOH . ? A HOH 120 ? 1_555 MG ? F MG . ? A MG 17 ? 1_555 O ? J HOH . ? A HOH 121 ? 1_555 86.3  ? 
26 OP2 ? A DA  4 ? A DA  4   ? 1_555 MG ? F MG . ? A MG 17 ? 1_555 O ? J HOH . ? A HOH 122 ? 1_555 90.3  ? 
27 O   ? J HOH . ? A HOH 118 ? 1_555 MG ? F MG . ? A MG 17 ? 1_555 O ? J HOH . ? A HOH 122 ? 1_555 90.5  ? 
28 O   ? J HOH . ? A HOH 119 ? 1_555 MG ? F MG . ? A MG 17 ? 1_555 O ? J HOH . ? A HOH 122 ? 1_555 92.9  ? 
29 O   ? J HOH . ? A HOH 120 ? 1_555 MG ? F MG . ? A MG 17 ? 1_555 O ? J HOH . ? A HOH 122 ? 1_555 172.7 ? 
30 O   ? J HOH . ? A HOH 121 ? 1_555 MG ? F MG . ? A MG 17 ? 1_555 O ? J HOH . ? A HOH 122 ? 1_555 86.8  ? 
31 O   ? J HOH . ? A HOH 107 ? 1_555 MG ? I MG . ? B MG 15 ? 1_555 O ? J HOH . ? A HOH 108 ? 1_555 176.6 ? 
32 O   ? J HOH . ? A HOH 107 ? 1_555 MG ? I MG . ? B MG 15 ? 1_555 O ? K HOH . ? B HOH 109 ? 1_555 89.9  ? 
33 O   ? J HOH . ? A HOH 108 ? 1_555 MG ? I MG . ? B MG 15 ? 1_555 O ? K HOH . ? B HOH 109 ? 1_555 90.5  ? 
34 O   ? J HOH . ? A HOH 107 ? 1_555 MG ? I MG . ? B MG 15 ? 1_555 O ? K HOH . ? B HOH 110 ? 1_555 87.3  ? 
35 O   ? J HOH . ? A HOH 108 ? 1_555 MG ? I MG . ? B MG 15 ? 1_555 O ? K HOH . ? B HOH 110 ? 1_555 89.4  ? 
36 O   ? K HOH . ? B HOH 109 ? 1_555 MG ? I MG . ? B MG 15 ? 1_555 O ? K HOH . ? B HOH 110 ? 1_555 91.4  ? 
37 O   ? J HOH . ? A HOH 107 ? 1_555 MG ? I MG . ? B MG 15 ? 1_555 O ? K HOH . ? B HOH 111 ? 1_555 91.4  ? 
38 O   ? J HOH . ? A HOH 108 ? 1_555 MG ? I MG . ? B MG 15 ? 1_555 O ? K HOH . ? B HOH 111 ? 1_555 88.4  ? 
39 O   ? K HOH . ? B HOH 109 ? 1_555 MG ? I MG . ? B MG 15 ? 1_555 O ? K HOH . ? B HOH 111 ? 1_555 176.9 ? 
40 O   ? K HOH . ? B HOH 110 ? 1_555 MG ? I MG . ? B MG 15 ? 1_555 O ? K HOH . ? B HOH 111 ? 1_555 91.5  ? 
41 O   ? J HOH . ? A HOH 107 ? 1_555 MG ? I MG . ? B MG 15 ? 1_555 O ? K HOH . ? B HOH 112 ? 1_555 88.6  ? 
42 O   ? J HOH . ? A HOH 108 ? 1_555 MG ? I MG . ? B MG 15 ? 1_555 O ? K HOH . ? B HOH 112 ? 1_555 94.8  ? 
43 O   ? K HOH . ? B HOH 109 ? 1_555 MG ? I MG . ? B MG 15 ? 1_555 O ? K HOH . ? B HOH 112 ? 1_555 89.7  ? 
44 O   ? K HOH . ? B HOH 110 ? 1_555 MG ? I MG . ? B MG 15 ? 1_555 O ? K HOH . ? B HOH 112 ? 1_555 175.7 ? 
45 O   ? K HOH . ? B HOH 111 ? 1_555 MG ? I MG . ? B MG 15 ? 1_555 O ? K HOH . ? B HOH 112 ? 1_555 87.5  ? 
# 
_struct_site.id                   'DRUG BINDING SITE' 
_struct_site.pdbx_evidence_code   ? 
_struct_site.pdbx_auth_asym_id    ? 
_struct_site.pdbx_auth_comp_id    ? 
_struct_site.pdbx_auth_seq_id     ? 
_struct_site.pdbx_auth_ins_code   ? 
_struct_site.pdbx_num_residues    ? 
_struct_site.details              ? 
# 
_pdbx_validate_rmsd_bond.id                        1 
_pdbx_validate_rmsd_bond.PDB_model_num             1 
_pdbx_validate_rmsd_bond.auth_atom_id_1            "C5'" 
_pdbx_validate_rmsd_bond.auth_asym_id_1            A 
_pdbx_validate_rmsd_bond.auth_comp_id_1            DC 
_pdbx_validate_rmsd_bond.auth_seq_id_1             1 
_pdbx_validate_rmsd_bond.PDB_ins_code_1            ? 
_pdbx_validate_rmsd_bond.label_alt_id_1            ? 
_pdbx_validate_rmsd_bond.auth_atom_id_2            "C4'" 
_pdbx_validate_rmsd_bond.auth_asym_id_2            A 
_pdbx_validate_rmsd_bond.auth_comp_id_2            DC 
_pdbx_validate_rmsd_bond.auth_seq_id_2             1 
_pdbx_validate_rmsd_bond.PDB_ins_code_2            ? 
_pdbx_validate_rmsd_bond.label_alt_id_2            ? 
_pdbx_validate_rmsd_bond.bond_value                1.569 
_pdbx_validate_rmsd_bond.bond_target_value         1.512 
_pdbx_validate_rmsd_bond.bond_deviation            0.057 
_pdbx_validate_rmsd_bond.bond_standard_deviation   0.007 
_pdbx_validate_rmsd_bond.linker_flag               N 
# 
loop_
_pdbx_validate_rmsd_angle.id 
_pdbx_validate_rmsd_angle.PDB_model_num 
_pdbx_validate_rmsd_angle.auth_atom_id_1 
_pdbx_validate_rmsd_angle.auth_asym_id_1 
_pdbx_validate_rmsd_angle.auth_comp_id_1 
_pdbx_validate_rmsd_angle.auth_seq_id_1 
_pdbx_validate_rmsd_angle.PDB_ins_code_1 
_pdbx_validate_rmsd_angle.label_alt_id_1 
_pdbx_validate_rmsd_angle.auth_atom_id_2 
_pdbx_validate_rmsd_angle.auth_asym_id_2 
_pdbx_validate_rmsd_angle.auth_comp_id_2 
_pdbx_validate_rmsd_angle.auth_seq_id_2 
_pdbx_validate_rmsd_angle.PDB_ins_code_2 
_pdbx_validate_rmsd_angle.label_alt_id_2 
_pdbx_validate_rmsd_angle.auth_atom_id_3 
_pdbx_validate_rmsd_angle.auth_asym_id_3 
_pdbx_validate_rmsd_angle.auth_comp_id_3 
_pdbx_validate_rmsd_angle.auth_seq_id_3 
_pdbx_validate_rmsd_angle.PDB_ins_code_3 
_pdbx_validate_rmsd_angle.label_alt_id_3 
_pdbx_validate_rmsd_angle.angle_value 
_pdbx_validate_rmsd_angle.angle_target_value 
_pdbx_validate_rmsd_angle.angle_deviation 
_pdbx_validate_rmsd_angle.angle_standard_deviation 
_pdbx_validate_rmsd_angle.linker_flag 
1 1 "O4'" A DC 1 ? ? "C1'" A DC 1 ? ? N1    A DC 1 ? ? 110.15 108.30 1.85  0.30 N 
2 1 "C3'" A DG 2 ? ? "O3'" A DG 2 ? ? P     A DT 3 ? ? 127.28 119.70 7.58  1.20 Y 
3 1 "O4'" A DC 5 ? ? "C4'" A DC 5 ? ? "C3'" A DC 5 ? ? 109.64 106.00 3.64  0.60 N 
4 1 "C1'" A DC 5 ? ? "O4'" A DC 5 ? ? "C4'" A DC 5 ? ? 102.81 110.10 -7.29 1.00 N 
5 1 "O4'" A DC 5 ? ? "C1'" A DC 5 ? ? N1    A DC 5 ? ? 111.02 108.30 2.72  0.30 N 
6 1 "O4'" B DC 7 ? ? "C1'" B DC 7 ? ? N1    B DC 7 ? ? 111.84 108.30 3.54  0.30 N 
7 1 "C1'" B DG 8 ? ? "O4'" B DG 8 ? ? "C4'" B DG 8 ? ? 102.87 110.10 -7.23 1.00 N 
8 1 "O4'" B DG 8 ? ? "C1'" B DG 8 ? ? N9    B DG 8 ? ? 110.52 108.30 2.22  0.30 N 
# 
loop_
_pdbx_validate_planes.id 
_pdbx_validate_planes.PDB_model_num 
_pdbx_validate_planes.auth_comp_id 
_pdbx_validate_planes.auth_asym_id 
_pdbx_validate_planes.auth_seq_id 
_pdbx_validate_planes.PDB_ins_code 
_pdbx_validate_planes.label_alt_id 
_pdbx_validate_planes.rmsd 
_pdbx_validate_planes.type 
1 1 DC A 5  ? ? 0.065 'SIDE CHAIN' 
2 1 DC B 11 ? ? 0.085 'SIDE CHAIN' 
# 
_struct_site_keywords.site_id   'DRUG BINDING SITE' 
_struct_site_keywords.text      INTERCALATION 
# 
loop_
_refine_B_iso.class 
_refine_B_iso.details 
_refine_B_iso.treatment 
_refine_B_iso.pdbx_refine_id 
'ALL ATOMS'  TR isotropic 'X-RAY DIFFRACTION' 
'ALL WATERS' TR isotropic 'X-RAY DIFFRACTION' 
# 
loop_
_refine_occupancy.class 
_refine_occupancy.treatment 
_refine_occupancy.pdbx_refine_id 
'ALL ATOMS'  fix 'X-RAY DIFFRACTION' 
'ALL WATERS' fix 'X-RAY DIFFRACTION' 
# 
loop_
_chem_comp_atom.comp_id 
_chem_comp_atom.atom_id 
_chem_comp_atom.type_symbol 
_chem_comp_atom.pdbx_aromatic_flag 
_chem_comp_atom.pdbx_stereo_config 
_chem_comp_atom.pdbx_ordinal 
BGC C2     C  N R 1   
BGC C3     C  N S 2   
BGC C4     C  N S 3   
BGC C5     C  N R 4   
BGC C6     C  N N 5   
BGC C1     C  N R 6   
BGC O1     O  N N 7   
BGC O2     O  N N 8   
BGC O3     O  N N 9   
BGC O4     O  N N 10  
BGC O5     O  N N 11  
BGC O6     O  N N 12  
BGC H2     H  N N 13  
BGC H3     H  N N 14  
BGC H4     H  N N 15  
BGC H5     H  N N 16  
BGC H61    H  N N 17  
BGC H62    H  N N 18  
BGC H1     H  N N 19  
BGC HO1    H  N N 20  
BGC HO2    H  N N 21  
BGC HO3    H  N N 22  
BGC HO4    H  N N 23  
BGC HO6    H  N N 24  
DA  OP3    O  N N 25  
DA  P      P  N N 26  
DA  OP1    O  N N 27  
DA  OP2    O  N N 28  
DA  "O5'"  O  N N 29  
DA  "C5'"  C  N N 30  
DA  "C4'"  C  N R 31  
DA  "O4'"  O  N N 32  
DA  "C3'"  C  N S 33  
DA  "O3'"  O  N N 34  
DA  "C2'"  C  N N 35  
DA  "C1'"  C  N R 36  
DA  N9     N  Y N 37  
DA  C8     C  Y N 38  
DA  N7     N  Y N 39  
DA  C5     C  Y N 40  
DA  C6     C  Y N 41  
DA  N6     N  N N 42  
DA  N1     N  Y N 43  
DA  C2     C  Y N 44  
DA  N3     N  Y N 45  
DA  C4     C  Y N 46  
DA  HOP3   H  N N 47  
DA  HOP2   H  N N 48  
DA  "H5'"  H  N N 49  
DA  "H5''" H  N N 50  
DA  "H4'"  H  N N 51  
DA  "H3'"  H  N N 52  
DA  "HO3'" H  N N 53  
DA  "H2'"  H  N N 54  
DA  "H2''" H  N N 55  
DA  "H1'"  H  N N 56  
DA  H8     H  N N 57  
DA  H61    H  N N 58  
DA  H62    H  N N 59  
DA  H2     H  N N 60  
DC  OP3    O  N N 61  
DC  P      P  N N 62  
DC  OP1    O  N N 63  
DC  OP2    O  N N 64  
DC  "O5'"  O  N N 65  
DC  "C5'"  C  N N 66  
DC  "C4'"  C  N R 67  
DC  "O4'"  O  N N 68  
DC  "C3'"  C  N S 69  
DC  "O3'"  O  N N 70  
DC  "C2'"  C  N N 71  
DC  "C1'"  C  N R 72  
DC  N1     N  N N 73  
DC  C2     C  N N 74  
DC  O2     O  N N 75  
DC  N3     N  N N 76  
DC  C4     C  N N 77  
DC  N4     N  N N 78  
DC  C5     C  N N 79  
DC  C6     C  N N 80  
DC  HOP3   H  N N 81  
DC  HOP2   H  N N 82  
DC  "H5'"  H  N N 83  
DC  "H5''" H  N N 84  
DC  "H4'"  H  N N 85  
DC  "H3'"  H  N N 86  
DC  "HO3'" H  N N 87  
DC  "H2'"  H  N N 88  
DC  "H2''" H  N N 89  
DC  "H1'"  H  N N 90  
DC  H41    H  N N 91  
DC  H42    H  N N 92  
DC  H5     H  N N 93  
DC  H6     H  N N 94  
DG  OP3    O  N N 95  
DG  P      P  N N 96  
DG  OP1    O  N N 97  
DG  OP2    O  N N 98  
DG  "O5'"  O  N N 99  
DG  "C5'"  C  N N 100 
DG  "C4'"  C  N R 101 
DG  "O4'"  O  N N 102 
DG  "C3'"  C  N S 103 
DG  "O3'"  O  N N 104 
DG  "C2'"  C  N N 105 
DG  "C1'"  C  N R 106 
DG  N9     N  Y N 107 
DG  C8     C  Y N 108 
DG  N7     N  Y N 109 
DG  C5     C  Y N 110 
DG  C6     C  N N 111 
DG  O6     O  N N 112 
DG  N1     N  N N 113 
DG  C2     C  N N 114 
DG  N2     N  N N 115 
DG  N3     N  N N 116 
DG  C4     C  Y N 117 
DG  HOP3   H  N N 118 
DG  HOP2   H  N N 119 
DG  "H5'"  H  N N 120 
DG  "H5''" H  N N 121 
DG  "H4'"  H  N N 122 
DG  "H3'"  H  N N 123 
DG  "HO3'" H  N N 124 
DG  "H2'"  H  N N 125 
DG  "H2''" H  N N 126 
DG  "H1'"  H  N N 127 
DG  H8     H  N N 128 
DG  H1     H  N N 129 
DG  H21    H  N N 130 
DG  H22    H  N N 131 
DM1 C1     C  Y N 132 
DM1 C2     C  Y N 133 
DM1 C3     C  Y N 134 
DM1 C4     C  Y N 135 
DM1 O4     O  N N 136 
DM1 C5     C  Y N 137 
DM1 C6     C  N N 138 
DM1 O6     O  N N 139 
DM1 C7     C  Y N 140 
DM1 C8     C  Y N 141 
DM1 O8     O  N N 142 
DM1 C9     C  Y N 143 
DM1 C10    C  N S 144 
DM1 O10    O  N N 145 
DM1 C11    C  N N 146 
DM1 C12    C  N S 147 
DM1 O12    O  N N 148 
DM1 C13    C  N N 149 
DM1 O13    O  N N 150 
DM1 C14    C  N N 151 
DM1 C15    C  N N 152 
DM1 C16    C  Y N 153 
DM1 C17    C  Y N 154 
DM1 O17    O  N N 155 
DM1 C18    C  Y N 156 
DM1 C19    C  N N 157 
DM1 O19    O  N N 158 
DM1 C20    C  Y N 159 
DM1 C21    C  N N 160 
DM1 "C1'"  C  N R 161 
DM1 "C2'"  C  N N 162 
DM1 "C3'"  C  N S 163 
DM1 "N3'"  N  N N 164 
DM1 "C4'"  C  N S 165 
DM1 "O4'"  O  N N 166 
DM1 "C5'"  C  N S 167 
DM1 "O5'"  O  N N 168 
DM1 "C6'"  C  N N 169 
DM1 H1     H  N N 170 
DM1 H2     H  N N 171 
DM1 H3     H  N N 172 
DM1 HO8    H  N N 173 
DM1 H10    H  N N 174 
DM1 H111   H  N N 175 
DM1 H112   H  N N 176 
DM1 HO12   H  N N 177 
DM1 H141   H  N N 178 
DM1 H142   H  N N 179 
DM1 H143   H  N N 180 
DM1 H151   H  N N 181 
DM1 H152   H  N N 182 
DM1 HO17   H  N N 183 
DM1 H211   H  N N 184 
DM1 H212   H  N N 185 
DM1 H213   H  N N 186 
DM1 "H1'"  H  N N 187 
DM1 "H2'1" H  N N 188 
DM1 "H2'2" H  N N 189 
DM1 "H3'"  H  N N 190 
DM1 "HN'1" H  N N 191 
DM1 "HN'2" H  N N 192 
DM1 "H4'"  H  N N 193 
DM1 "HO4'" H  N N 194 
DM1 "H5'"  H  N N 195 
DM1 "H6'1" H  N N 196 
DM1 "H6'2" H  N N 197 
DM1 "H6'3" H  N N 198 
DT  OP3    O  N N 199 
DT  P      P  N N 200 
DT  OP1    O  N N 201 
DT  OP2    O  N N 202 
DT  "O5'"  O  N N 203 
DT  "C5'"  C  N N 204 
DT  "C4'"  C  N R 205 
DT  "O4'"  O  N N 206 
DT  "C3'"  C  N S 207 
DT  "O3'"  O  N N 208 
DT  "C2'"  C  N N 209 
DT  "C1'"  C  N R 210 
DT  N1     N  N N 211 
DT  C2     C  N N 212 
DT  O2     O  N N 213 
DT  N3     N  N N 214 
DT  C4     C  N N 215 
DT  O4     O  N N 216 
DT  C5     C  N N 217 
DT  C7     C  N N 218 
DT  C6     C  N N 219 
DT  HOP3   H  N N 220 
DT  HOP2   H  N N 221 
DT  "H5'"  H  N N 222 
DT  "H5''" H  N N 223 
DT  "H4'"  H  N N 224 
DT  "H3'"  H  N N 225 
DT  "HO3'" H  N N 226 
DT  "H2'"  H  N N 227 
DT  "H2''" H  N N 228 
DT  "H1'"  H  N N 229 
DT  H3     H  N N 230 
DT  H71    H  N N 231 
DT  H72    H  N N 232 
DT  H73    H  N N 233 
DT  H6     H  N N 234 
HOH O      O  N N 235 
HOH H1     H  N N 236 
HOH H2     H  N N 237 
MG  MG     MG N N 238 
# 
loop_
_chem_comp_bond.comp_id 
_chem_comp_bond.atom_id_1 
_chem_comp_bond.atom_id_2 
_chem_comp_bond.value_order 
_chem_comp_bond.pdbx_aromatic_flag 
_chem_comp_bond.pdbx_stereo_config 
_chem_comp_bond.pdbx_ordinal 
BGC C2    C3     sing N N 1   
BGC C2    C1     sing N N 2   
BGC C2    O2     sing N N 3   
BGC C2    H2     sing N N 4   
BGC C3    C4     sing N N 5   
BGC C3    O3     sing N N 6   
BGC C3    H3     sing N N 7   
BGC C4    C5     sing N N 8   
BGC C4    O4     sing N N 9   
BGC C4    H4     sing N N 10  
BGC C5    C6     sing N N 11  
BGC C5    O5     sing N N 12  
BGC C5    H5     sing N N 13  
BGC C6    O6     sing N N 14  
BGC C6    H61    sing N N 15  
BGC C6    H62    sing N N 16  
BGC C1    O1     sing N N 17  
BGC C1    O5     sing N N 18  
BGC C1    H1     sing N N 19  
BGC O1    HO1    sing N N 20  
BGC O2    HO2    sing N N 21  
BGC O3    HO3    sing N N 22  
BGC O4    HO4    sing N N 23  
BGC O6    HO6    sing N N 24  
DA  OP3   P      sing N N 25  
DA  OP3   HOP3   sing N N 26  
DA  P     OP1    doub N N 27  
DA  P     OP2    sing N N 28  
DA  P     "O5'"  sing N N 29  
DA  OP2   HOP2   sing N N 30  
DA  "O5'" "C5'"  sing N N 31  
DA  "C5'" "C4'"  sing N N 32  
DA  "C5'" "H5'"  sing N N 33  
DA  "C5'" "H5''" sing N N 34  
DA  "C4'" "O4'"  sing N N 35  
DA  "C4'" "C3'"  sing N N 36  
DA  "C4'" "H4'"  sing N N 37  
DA  "O4'" "C1'"  sing N N 38  
DA  "C3'" "O3'"  sing N N 39  
DA  "C3'" "C2'"  sing N N 40  
DA  "C3'" "H3'"  sing N N 41  
DA  "O3'" "HO3'" sing N N 42  
DA  "C2'" "C1'"  sing N N 43  
DA  "C2'" "H2'"  sing N N 44  
DA  "C2'" "H2''" sing N N 45  
DA  "C1'" N9     sing N N 46  
DA  "C1'" "H1'"  sing N N 47  
DA  N9    C8     sing Y N 48  
DA  N9    C4     sing Y N 49  
DA  C8    N7     doub Y N 50  
DA  C8    H8     sing N N 51  
DA  N7    C5     sing Y N 52  
DA  C5    C6     sing Y N 53  
DA  C5    C4     doub Y N 54  
DA  C6    N6     sing N N 55  
DA  C6    N1     doub Y N 56  
DA  N6    H61    sing N N 57  
DA  N6    H62    sing N N 58  
DA  N1    C2     sing Y N 59  
DA  C2    N3     doub Y N 60  
DA  C2    H2     sing N N 61  
DA  N3    C4     sing Y N 62  
DC  OP3   P      sing N N 63  
DC  OP3   HOP3   sing N N 64  
DC  P     OP1    doub N N 65  
DC  P     OP2    sing N N 66  
DC  P     "O5'"  sing N N 67  
DC  OP2   HOP2   sing N N 68  
DC  "O5'" "C5'"  sing N N 69  
DC  "C5'" "C4'"  sing N N 70  
DC  "C5'" "H5'"  sing N N 71  
DC  "C5'" "H5''" sing N N 72  
DC  "C4'" "O4'"  sing N N 73  
DC  "C4'" "C3'"  sing N N 74  
DC  "C4'" "H4'"  sing N N 75  
DC  "O4'" "C1'"  sing N N 76  
DC  "C3'" "O3'"  sing N N 77  
DC  "C3'" "C2'"  sing N N 78  
DC  "C3'" "H3'"  sing N N 79  
DC  "O3'" "HO3'" sing N N 80  
DC  "C2'" "C1'"  sing N N 81  
DC  "C2'" "H2'"  sing N N 82  
DC  "C2'" "H2''" sing N N 83  
DC  "C1'" N1     sing N N 84  
DC  "C1'" "H1'"  sing N N 85  
DC  N1    C2     sing N N 86  
DC  N1    C6     sing N N 87  
DC  C2    O2     doub N N 88  
DC  C2    N3     sing N N 89  
DC  N3    C4     doub N N 90  
DC  C4    N4     sing N N 91  
DC  C4    C5     sing N N 92  
DC  N4    H41    sing N N 93  
DC  N4    H42    sing N N 94  
DC  C5    C6     doub N N 95  
DC  C5    H5     sing N N 96  
DC  C6    H6     sing N N 97  
DG  OP3   P      sing N N 98  
DG  OP3   HOP3   sing N N 99  
DG  P     OP1    doub N N 100 
DG  P     OP2    sing N N 101 
DG  P     "O5'"  sing N N 102 
DG  OP2   HOP2   sing N N 103 
DG  "O5'" "C5'"  sing N N 104 
DG  "C5'" "C4'"  sing N N 105 
DG  "C5'" "H5'"  sing N N 106 
DG  "C5'" "H5''" sing N N 107 
DG  "C4'" "O4'"  sing N N 108 
DG  "C4'" "C3'"  sing N N 109 
DG  "C4'" "H4'"  sing N N 110 
DG  "O4'" "C1'"  sing N N 111 
DG  "C3'" "O3'"  sing N N 112 
DG  "C3'" "C2'"  sing N N 113 
DG  "C3'" "H3'"  sing N N 114 
DG  "O3'" "HO3'" sing N N 115 
DG  "C2'" "C1'"  sing N N 116 
DG  "C2'" "H2'"  sing N N 117 
DG  "C2'" "H2''" sing N N 118 
DG  "C1'" N9     sing N N 119 
DG  "C1'" "H1'"  sing N N 120 
DG  N9    C8     sing Y N 121 
DG  N9    C4     sing Y N 122 
DG  C8    N7     doub Y N 123 
DG  C8    H8     sing N N 124 
DG  N7    C5     sing Y N 125 
DG  C5    C6     sing N N 126 
DG  C5    C4     doub Y N 127 
DG  C6    O6     doub N N 128 
DG  C6    N1     sing N N 129 
DG  N1    C2     sing N N 130 
DG  N1    H1     sing N N 131 
DG  C2    N2     sing N N 132 
DG  C2    N3     doub N N 133 
DG  N2    H21    sing N N 134 
DG  N2    H22    sing N N 135 
DG  N3    C4     sing N N 136 
DM1 C1    C2     doub Y N 137 
DM1 C1    C20    sing Y N 138 
DM1 C1    H1     sing N N 139 
DM1 C2    C3     sing Y N 140 
DM1 C2    H2     sing N N 141 
DM1 C3    C4     doub Y N 142 
DM1 C3    H3     sing N N 143 
DM1 C4    O4     sing N N 144 
DM1 C4    C5     sing Y N 145 
DM1 O4    C21    sing N N 146 
DM1 C5    C6     sing N N 147 
DM1 C5    C20    doub Y N 148 
DM1 C6    O6     doub N N 149 
DM1 C6    C7     sing N N 150 
DM1 C7    C8     doub Y N 151 
DM1 C7    C18    sing Y N 152 
DM1 C8    O8     sing N N 153 
DM1 C8    C9     sing Y N 154 
DM1 O8    HO8    sing N N 155 
DM1 C9    C10    sing N N 156 
DM1 C9    C16    doub Y N 157 
DM1 C10   O10    sing N N 158 
DM1 C10   C11    sing N N 159 
DM1 C10   H10    sing N N 160 
DM1 O10   "C1'"  sing N N 161 
DM1 C11   C12    sing N N 162 
DM1 C11   H111   sing N N 163 
DM1 C11   H112   sing N N 164 
DM1 C12   O12    sing N N 165 
DM1 C12   C13    sing N N 166 
DM1 C12   C15    sing N N 167 
DM1 O12   HO12   sing N N 168 
DM1 C13   O13    doub N N 169 
DM1 C13   C14    sing N N 170 
DM1 C14   H141   sing N N 171 
DM1 C14   H142   sing N N 172 
DM1 C14   H143   sing N N 173 
DM1 C15   C16    sing N N 174 
DM1 C15   H151   sing N N 175 
DM1 C15   H152   sing N N 176 
DM1 C16   C17    sing Y N 177 
DM1 C17   O17    sing N N 178 
DM1 C17   C18    doub Y N 179 
DM1 O17   HO17   sing N N 180 
DM1 C18   C19    sing N N 181 
DM1 C19   O19    doub N N 182 
DM1 C19   C20    sing N N 183 
DM1 C21   H211   sing N N 184 
DM1 C21   H212   sing N N 185 
DM1 C21   H213   sing N N 186 
DM1 "C1'" "C2'"  sing N N 187 
DM1 "C1'" "O5'"  sing N N 188 
DM1 "C1'" "H1'"  sing N N 189 
DM1 "C2'" "C3'"  sing N N 190 
DM1 "C2'" "H2'1" sing N N 191 
DM1 "C2'" "H2'2" sing N N 192 
DM1 "C3'" "N3'"  sing N N 193 
DM1 "C3'" "C4'"  sing N N 194 
DM1 "C3'" "H3'"  sing N N 195 
DM1 "N3'" "HN'1" sing N N 196 
DM1 "N3'" "HN'2" sing N N 197 
DM1 "C4'" "O4'"  sing N N 198 
DM1 "C4'" "C5'"  sing N N 199 
DM1 "C4'" "H4'"  sing N N 200 
DM1 "O4'" "HO4'" sing N N 201 
DM1 "C5'" "O5'"  sing N N 202 
DM1 "C5'" "C6'"  sing N N 203 
DM1 "C5'" "H5'"  sing N N 204 
DM1 "C6'" "H6'1" sing N N 205 
DM1 "C6'" "H6'2" sing N N 206 
DM1 "C6'" "H6'3" sing N N 207 
DT  OP3   P      sing N N 208 
DT  OP3   HOP3   sing N N 209 
DT  P     OP1    doub N N 210 
DT  P     OP2    sing N N 211 
DT  P     "O5'"  sing N N 212 
DT  OP2   HOP2   sing N N 213 
DT  "O5'" "C5'"  sing N N 214 
DT  "C5'" "C4'"  sing N N 215 
DT  "C5'" "H5'"  sing N N 216 
DT  "C5'" "H5''" sing N N 217 
DT  "C4'" "O4'"  sing N N 218 
DT  "C4'" "C3'"  sing N N 219 
DT  "C4'" "H4'"  sing N N 220 
DT  "O4'" "C1'"  sing N N 221 
DT  "C3'" "O3'"  sing N N 222 
DT  "C3'" "C2'"  sing N N 223 
DT  "C3'" "H3'"  sing N N 224 
DT  "O3'" "HO3'" sing N N 225 
DT  "C2'" "C1'"  sing N N 226 
DT  "C2'" "H2'"  sing N N 227 
DT  "C2'" "H2''" sing N N 228 
DT  "C1'" N1     sing N N 229 
DT  "C1'" "H1'"  sing N N 230 
DT  N1    C2     sing N N 231 
DT  N1    C6     sing N N 232 
DT  C2    O2     doub N N 233 
DT  C2    N3     sing N N 234 
DT  N3    C4     sing N N 235 
DT  N3    H3     sing N N 236 
DT  C4    O4     doub N N 237 
DT  C4    C5     sing N N 238 
DT  C5    C7     sing N N 239 
DT  C5    C6     doub N N 240 
DT  C7    H71    sing N N 241 
DT  C7    H72    sing N N 242 
DT  C7    H73    sing N N 243 
DT  C6    H6     sing N N 244 
HOH O     H1     sing N N 245 
HOH O     H2     sing N N 246 
# 
_ndb_struct_conf_na.entry_id   308D 
_ndb_struct_conf_na.feature    'b-form double helix' 
# 
loop_
_ndb_struct_na_base_pair.model_number 
_ndb_struct_na_base_pair.i_label_asym_id 
_ndb_struct_na_base_pair.i_label_comp_id 
_ndb_struct_na_base_pair.i_label_seq_id 
_ndb_struct_na_base_pair.i_symmetry 
_ndb_struct_na_base_pair.j_label_asym_id 
_ndb_struct_na_base_pair.j_label_comp_id 
_ndb_struct_na_base_pair.j_label_seq_id 
_ndb_struct_na_base_pair.j_symmetry 
_ndb_struct_na_base_pair.shear 
_ndb_struct_na_base_pair.stretch 
_ndb_struct_na_base_pair.stagger 
_ndb_struct_na_base_pair.buckle 
_ndb_struct_na_base_pair.propeller 
_ndb_struct_na_base_pair.opening 
_ndb_struct_na_base_pair.pair_number 
_ndb_struct_na_base_pair.pair_name 
_ndb_struct_na_base_pair.i_auth_asym_id 
_ndb_struct_na_base_pair.i_auth_seq_id 
_ndb_struct_na_base_pair.i_PDB_ins_code 
_ndb_struct_na_base_pair.j_auth_asym_id 
_ndb_struct_na_base_pair.j_auth_seq_id 
_ndb_struct_na_base_pair.j_PDB_ins_code 
_ndb_struct_na_base_pair.hbond_type_28 
_ndb_struct_na_base_pair.hbond_type_12 
1 A DC 1 1_555 B DG 6 1_555 0.198  -0.178 -0.177 9.295   3.748   -0.855 1 A_DC1:DG12_B A 1 ? B 12 ? 19 1 
1 A DG 2 1_555 B DC 5 1_555 -0.118 -0.080 -0.277 -11.780 5.586   2.212  2 A_DG2:DC11_B A 2 ? B 11 ? 19 1 
1 A DT 3 1_555 B DA 4 1_555 -0.283 -0.049 -0.180 3.030   -14.429 2.223  3 A_DT3:DA10_B A 3 ? B 10 ? 20 1 
1 A DA 4 1_555 B DT 3 1_555 0.348  -0.118 -0.029 -4.480  -4.662  4.861  4 A_DA4:DT9_B  A 4 ? B 9  ? 20 1 
1 A DC 5 1_555 B DG 2 1_555 0.028  -0.140 -0.276 10.657  9.688   1.078  5 A_DC5:DG8_B  A 5 ? B 8  ? 19 1 
1 A DG 6 1_555 B DC 1 1_555 -0.209 -0.130 -0.128 -7.979  2.307   -0.430 6 A_DG6:DC7_B  A 6 ? B 7  ? 19 1 
# 
loop_
_ndb_struct_na_base_pair_step.model_number 
_ndb_struct_na_base_pair_step.i_label_asym_id_1 
_ndb_struct_na_base_pair_step.i_label_comp_id_1 
_ndb_struct_na_base_pair_step.i_label_seq_id_1 
_ndb_struct_na_base_pair_step.i_symmetry_1 
_ndb_struct_na_base_pair_step.j_label_asym_id_1 
_ndb_struct_na_base_pair_step.j_label_comp_id_1 
_ndb_struct_na_base_pair_step.j_label_seq_id_1 
_ndb_struct_na_base_pair_step.j_symmetry_1 
_ndb_struct_na_base_pair_step.i_label_asym_id_2 
_ndb_struct_na_base_pair_step.i_label_comp_id_2 
_ndb_struct_na_base_pair_step.i_label_seq_id_2 
_ndb_struct_na_base_pair_step.i_symmetry_2 
_ndb_struct_na_base_pair_step.j_label_asym_id_2 
_ndb_struct_na_base_pair_step.j_label_comp_id_2 
_ndb_struct_na_base_pair_step.j_label_seq_id_2 
_ndb_struct_na_base_pair_step.j_symmetry_2 
_ndb_struct_na_base_pair_step.shift 
_ndb_struct_na_base_pair_step.slide 
_ndb_struct_na_base_pair_step.rise 
_ndb_struct_na_base_pair_step.tilt 
_ndb_struct_na_base_pair_step.roll 
_ndb_struct_na_base_pair_step.twist 
_ndb_struct_na_base_pair_step.x_displacement 
_ndb_struct_na_base_pair_step.y_displacement 
_ndb_struct_na_base_pair_step.helical_rise 
_ndb_struct_na_base_pair_step.inclination 
_ndb_struct_na_base_pair_step.tip 
_ndb_struct_na_base_pair_step.helical_twist 
_ndb_struct_na_base_pair_step.step_number 
_ndb_struct_na_base_pair_step.step_name 
_ndb_struct_na_base_pair_step.i_auth_asym_id_1 
_ndb_struct_na_base_pair_step.i_auth_seq_id_1 
_ndb_struct_na_base_pair_step.i_PDB_ins_code_1 
_ndb_struct_na_base_pair_step.j_auth_asym_id_1 
_ndb_struct_na_base_pair_step.j_auth_seq_id_1 
_ndb_struct_na_base_pair_step.j_PDB_ins_code_1 
_ndb_struct_na_base_pair_step.i_auth_asym_id_2 
_ndb_struct_na_base_pair_step.i_auth_seq_id_2 
_ndb_struct_na_base_pair_step.i_PDB_ins_code_2 
_ndb_struct_na_base_pair_step.j_auth_asym_id_2 
_ndb_struct_na_base_pair_step.j_auth_seq_id_2 
_ndb_struct_na_base_pair_step.j_PDB_ins_code_2 
1 A DC 1 1_555 B DG 6 1_555 A DG 2 1_555 B DC 5 1_555 1.169  1.529  6.991 -1.116 -2.179 34.026 3.338  -2.367 6.842 -3.718  1.904  
34.112 1 AA_DC1DG2:DC11DG12_BB A 1 ? B 12 ? A 2 ? B 11 ? 
1 A DG 2 1_555 B DC 5 1_555 A DT 3 1_555 B DA 4 1_555 -1.328 0.311  3.030 -0.117 -3.188 31.034 1.137  2.449  2.989 -5.938  0.218  
31.194 2 AA_DG2DT3:DA10DC11_BB A 2 ? B 11 ? A 3 ? B 10 ? 
1 A DT 3 1_555 B DA 4 1_555 A DA 4 1_555 B DT 3 1_555 0.376  0.155  3.613 -0.130 9.037  40.923 -0.832 -0.541 3.566 12.738  0.183  
41.867 3 AA_DT3DA4:DT9DA10_BB  A 3 ? B 10 ? A 4 ? B 9  ? 
1 A DA 4 1_555 B DT 3 1_555 A DC 5 1_555 B DG 2 1_555 1.081  -0.077 3.126 0.208  -6.354 27.649 1.251  -2.161 3.074 -13.076 -0.428 
28.357 4 AA_DA4DC5:DG8DT9_BB   A 4 ? B 9  ? A 5 ? B 8  ? 
1 A DC 5 1_555 B DG 2 1_555 A DG 6 1_555 B DC 1 1_555 -1.248 1.035  6.954 -0.280 -3.053 31.865 3.042  2.156  6.838 -5.545  0.509  
32.008 5 AA_DC5DG6:DC7DG8_BB   A 5 ? B 8  ? A 6 ? B 7  ? 
# 
_pdbx_initial_refinement_model.accession_code   1D11 
_pdbx_initial_refinement_model.id               1 
_pdbx_initial_refinement_model.entity_id_list   ? 
_pdbx_initial_refinement_model.type             'experimental model' 
_pdbx_initial_refinement_model.source_name      PDB 
_pdbx_initial_refinement_model.details          DDF001 
# 
_atom_sites.entry_id                    308D 
_atom_sites.fract_transf_matrix[1][1]   -0.03606730 
_atom_sites.fract_transf_matrix[1][2]   -0.04369080 
_atom_sites.fract_transf_matrix[1][3]   -0.00494281 
_atom_sites.fract_transf_matrix[2][1]   -0.01791709 
_atom_sites.fract_transf_matrix[2][2]   -0.00330017 
_atom_sites.fract_transf_matrix[2][3]   -0.05337964 
_atom_sites.fract_transf_matrix[3][1]   0.03345307 
_atom_sites.fract_transf_matrix[3][2]   -0.02215570 
_atom_sites.fract_transf_matrix[3][3]   0.00614228 
_atom_sites.fract_transf_vector[1]      0.012518 
_atom_sites.fract_transf_vector[2]      0.825707 
_atom_sites.fract_transf_vector[3]      0.446854 
# 
loop_
_atom_type.symbol 
C  
MG 
N  
O  
P  
# 
loop_
_atom_site.group_PDB 
_atom_site.id 
_atom_site.type_symbol 
_atom_site.label_atom_id 
_atom_site.label_alt_id 
_atom_site.label_comp_id 
_atom_site.label_asym_id 
_atom_site.label_entity_id 
_atom_site.label_seq_id 
_atom_site.pdbx_PDB_ins_code 
_atom_site.Cartn_x 
_atom_site.Cartn_y 
_atom_site.Cartn_z 
_atom_site.occupancy 
_atom_site.B_iso_or_equiv 
_atom_site.pdbx_formal_charge 
_atom_site.auth_seq_id 
_atom_site.auth_comp_id 
_atom_site.auth_asym_id 
_atom_site.auth_atom_id 
_atom_site.pdbx_PDB_model_num 
ATOM   1   O  "O5'" . DC  A 1 1 ? 2.518   -10.501 -0.350  1.00 22.10 ? 1   DC  A "O5'" 1 
ATOM   2   C  "C5'" . DC  A 1 1 ? 2.758   -11.418 0.711   1.00 18.40 ? 1   DC  A "C5'" 1 
ATOM   3   C  "C4'" . DC  A 1 1 ? 4.170   -11.416 1.394   1.00 16.10 ? 1   DC  A "C4'" 1 
ATOM   4   O  "O4'" . DC  A 1 1 ? 5.244   -11.659 0.464   1.00 15.94 ? 1   DC  A "O4'" 1 
ATOM   5   C  "C3'" . DC  A 1 1 ? 4.498   -10.059 2.025   1.00 16.86 ? 1   DC  A "C3'" 1 
ATOM   6   O  "O3'" . DC  A 1 1 ? 5.378   -10.302 3.113   1.00 16.52 ? 1   DC  A "O3'" 1 
ATOM   7   C  "C2'" . DC  A 1 1 ? 5.261   -9.326  0.929   1.00 15.02 ? 1   DC  A "C2'" 1 
ATOM   8   C  "C1'" . DC  A 1 1 ? 6.006   -10.458 0.215   1.00 14.49 ? 1   DC  A "C1'" 1 
ATOM   9   N  N1    . DC  A 1 1 ? 6.049   -10.174 -1.235  1.00 13.66 ? 1   DC  A N1    1 
ATOM   10  C  C2    . DC  A 1 1 ? 6.984   -9.226  -1.690  1.00 13.25 ? 1   DC  A C2    1 
ATOM   11  O  O2    . DC  A 1 1 ? 7.725   -8.652  -0.896  1.00 11.61 ? 1   DC  A O2    1 
ATOM   12  N  N3    . DC  A 1 1 ? 7.005   -8.952  -3.041  1.00 12.04 ? 1   DC  A N3    1 
ATOM   13  C  C4    . DC  A 1 1 ? 6.166   -9.554  -3.883  1.00 12.76 ? 1   DC  A C4    1 
ATOM   14  N  N4    . DC  A 1 1 ? 6.215   -9.234  -5.173  1.00 13.73 ? 1   DC  A N4    1 
ATOM   15  C  C5    . DC  A 1 1 ? 5.211   -10.522 -3.424  1.00 12.85 ? 1   DC  A C5    1 
ATOM   16  C  C6    . DC  A 1 1 ? 5.205   -10.786 -2.103  1.00 12.19 ? 1   DC  A C6    1 
ATOM   17  P  P     . DG  A 1 2 ? 4.795   -10.185 4.609   1.00 19.68 ? 2   DG  A P     1 
ATOM   18  O  OP1   . DG  A 1 2 ? 5.929   -10.637 5.453   1.00 20.87 ? 2   DG  A OP1   1 
ATOM   19  O  OP2   . DG  A 1 2 ? 3.433   -10.746 4.737   1.00 17.41 ? 2   DG  A OP2   1 
ATOM   20  O  "O5'" . DG  A 1 2 ? 4.571   -8.591  4.767   1.00 18.22 ? 2   DG  A "O5'" 1 
ATOM   21  C  "C5'" . DG  A 1 2 ? 5.649   -7.664  4.731   1.00 16.22 ? 2   DG  A "C5'" 1 
ATOM   22  C  "C4'" . DG  A 1 2 ? 5.122   -6.305  4.361   1.00 15.08 ? 2   DG  A "C4'" 1 
ATOM   23  O  "O4'" . DG  A 1 2 ? 4.623   -6.280  3.004   1.00 14.83 ? 2   DG  A "O4'" 1 
ATOM   24  C  "C3'" . DG  A 1 2 ? 3.937   -5.949  5.287   1.00 14.17 ? 2   DG  A "C3'" 1 
ATOM   25  O  "O3'" . DG  A 1 2 ? 4.154   -4.588  5.603   1.00 13.73 ? 2   DG  A "O3'" 1 
ATOM   26  C  "C2'" . DG  A 1 2 ? 2.758   -6.102  4.362   1.00 13.95 ? 2   DG  A "C2'" 1 
ATOM   27  C  "C1'" . DG  A 1 2 ? 3.391   -5.589  3.069   1.00 13.02 ? 2   DG  A "C1'" 1 
ATOM   28  N  N9    . DG  A 1 2 ? 2.629   -5.883  1.854   1.00 14.42 ? 2   DG  A N9    1 
ATOM   29  C  C8    . DG  A 1 2 ? 1.719   -6.873  1.595   1.00 14.80 ? 2   DG  A C8    1 
ATOM   30  N  N7    . DG  A 1 2 ? 1.230   -6.838  0.378   1.00 13.75 ? 2   DG  A N7    1 
ATOM   31  C  C5    . DG  A 1 2 ? 1.867   -5.745  -0.197  1.00 13.43 ? 2   DG  A C5    1 
ATOM   32  C  C6    . DG  A 1 2 ? 1.769   -5.194  -1.508  1.00 12.86 ? 2   DG  A C6    1 
ATOM   33  O  O6    . DG  A 1 2 ? 1.020   -5.539  -2.412  1.00 13.93 ? 2   DG  A O6    1 
ATOM   34  N  N1    . DG  A 1 2 ? 2.614   -4.103  -1.680  1.00 12.54 ? 2   DG  A N1    1 
ATOM   35  C  C2    . DG  A 1 2 ? 3.425   -3.602  -0.715  1.00 11.27 ? 2   DG  A C2    1 
ATOM   36  N  N2    . DG  A 1 2 ? 4.181   -2.577  -1.032  1.00 10.67 ? 2   DG  A N2    1 
ATOM   37  N  N3    . DG  A 1 2 ? 3.517   -4.101  0.505   1.00 11.90 ? 2   DG  A N3    1 
ATOM   38  C  C4    . DG  A 1 2 ? 2.724   -5.167  0.697   1.00 12.79 ? 2   DG  A C4    1 
ATOM   39  P  P     . DT  A 1 3 ? 3.600   -3.789  6.869   1.00 14.14 ? 3   DT  A P     1 
ATOM   40  O  OP1   . DT  A 1 3 ? 4.266   -4.349  8.011   1.00 17.16 ? 3   DT  A OP1   1 
ATOM   41  O  OP2   . DT  A 1 3 ? 2.147   -3.668  6.926   1.00 15.20 ? 3   DT  A OP2   1 
ATOM   42  O  "O5'" . DT  A 1 3 ? 4.220   -2.292  6.709   1.00 15.75 ? 3   DT  A "O5'" 1 
ATOM   43  C  "C5'" . DT  A 1 3 ? 5.633   -2.162  6.451   1.00 13.52 ? 3   DT  A "C5'" 1 
ATOM   44  C  "C4'" . DT  A 1 3 ? 5.872   -1.142  5.305   1.00 14.48 ? 3   DT  A "C4'" 1 
ATOM   45  O  "O4'" . DT  A 1 3 ? 5.180   -1.527  4.090   1.00 13.32 ? 3   DT  A "O4'" 1 
ATOM   46  C  "C3'" . DT  A 1 3 ? 5.293   0.226   5.732   1.00 13.95 ? 3   DT  A "C3'" 1 
ATOM   47  O  "O3'" . DT  A 1 3 ? 6.212   1.244   5.339   1.00 15.83 ? 3   DT  A "O3'" 1 
ATOM   48  C  "C2'" . DT  A 1 3 ? 4.025   0.307   4.916   1.00 13.64 ? 3   DT  A "C2'" 1 
ATOM   49  C  "C1'" . DT  A 1 3 ? 4.357   -0.453  3.677   1.00 12.01 ? 3   DT  A "C1'" 1 
ATOM   50  N  N1    . DT  A 1 3 ? 3.177   -1.034  3.020   1.00 13.21 ? 3   DT  A N1    1 
ATOM   51  C  C2    . DT  A 1 3 ? 3.016   -0.754  1.663   1.00 13.94 ? 3   DT  A C2    1 
ATOM   52  O  O2    . DT  A 1 3 ? 3.768   0.006   1.040   1.00 13.55 ? 3   DT  A O2    1 
ATOM   53  N  N3    . DT  A 1 3 ? 1.938   -1.335  1.061   1.00 12.49 ? 3   DT  A N3    1 
ATOM   54  C  C4    . DT  A 1 3 ? 1.026   -2.150  1.701   1.00 12.64 ? 3   DT  A C4    1 
ATOM   55  O  O4    . DT  A 1 3 ? 0.132   -2.682  1.054   1.00 13.27 ? 3   DT  A O4    1 
ATOM   56  C  C5    . DT  A 1 3 ? 1.265   -2.366  3.103   1.00 12.53 ? 3   DT  A C5    1 
ATOM   57  C  C7    . DT  A 1 3 ? 0.269   -3.170  3.896   1.00 12.45 ? 3   DT  A C7    1 
ATOM   58  C  C6    . DT  A 1 3 ? 2.309   -1.822  3.710   1.00 11.40 ? 3   DT  A C6    1 
ATOM   59  P  P     . DA  A 1 4 ? 6.047   2.765   5.725   1.00 16.07 ? 4   DA  A P     1 
ATOM   60  O  OP1   . DA  A 1 4 ? 7.366   3.401   5.803   1.00 18.92 ? 4   DA  A OP1   1 
ATOM   61  O  OP2   . DA  A 1 4 ? 5.087   2.862   6.814   1.00 17.34 ? 4   DA  A OP2   1 
ATOM   62  O  "O5'" . DA  A 1 4 ? 5.242   3.338   4.427   1.00 17.52 ? 4   DA  A "O5'" 1 
ATOM   63  C  "C5'" . DA  A 1 4 ? 5.857   3.544   3.182   1.00 14.74 ? 4   DA  A "C5'" 1 
ATOM   64  C  "C4'" . DA  A 1 4 ? 4.941   4.360   2.260   1.00 14.09 ? 4   DA  A "C4'" 1 
ATOM   65  O  "O4'" . DA  A 1 4 ? 3.820   3.602   1.833   1.00 14.82 ? 4   DA  A "O4'" 1 
ATOM   66  C  "C3'" . DA  A 1 4 ? 4.384   5.584   2.982   1.00 15.45 ? 4   DA  A "C3'" 1 
ATOM   67  O  "O3'" . DA  A 1 4 ? 4.470   6.670   2.049   1.00 14.77 ? 4   DA  A "O3'" 1 
ATOM   68  C  "C2'" . DA  A 1 4 ? 2.912   5.193   3.218   1.00 15.29 ? 4   DA  A "C2'" 1 
ATOM   69  C  "C1'" . DA  A 1 4 ? 2.587   4.303   2.064   1.00 13.51 ? 4   DA  A "C1'" 1 
ATOM   70  N  N9    . DA  A 1 4 ? 1.629   3.242   2.347   1.00 14.09 ? 4   DA  A N9    1 
ATOM   71  C  C8    . DA  A 1 4 ? 1.488   2.522   3.503   1.00 15.20 ? 4   DA  A C8    1 
ATOM   72  N  N7    . DA  A 1 4 ? 0.584   1.584   3.407   1.00 13.91 ? 4   DA  A N7    1 
ATOM   73  C  C5    . DA  A 1 4 ? 0.090   1.687   2.111   1.00 13.73 ? 4   DA  A C5    1 
ATOM   74  C  C6    . DA  A 1 4 ? -0.911  0.977   1.393   1.00 12.88 ? 4   DA  A C6    1 
ATOM   75  N  N6    . DA  A 1 4 ? -1.635  -0.036  1.878   1.00 12.45 ? 4   DA  A N6    1 
ATOM   76  N  N1    . DA  A 1 4 ? -1.139  1.367   0.135   1.00 12.74 ? 4   DA  A N1    1 
ATOM   77  C  C2    . DA  A 1 4 ? -0.428  2.370   -0.346  1.00 12.71 ? 4   DA  A C2    1 
ATOM   78  N  N3    . DA  A 1 4 ? 0.516   3.107   0.207   1.00 12.24 ? 4   DA  A N3    1 
ATOM   79  C  C4    . DA  A 1 4 ? 0.729   2.704   1.464   1.00 13.22 ? 4   DA  A C4    1 
ATOM   80  P  P     . DC  A 1 5 ? 4.079   8.171   2.342   1.00 15.67 ? 5   DC  A P     1 
ATOM   81  O  OP1   . DC  A 1 5 ? 4.899   8.923   1.339   1.00 16.33 ? 5   DC  A OP1   1 
ATOM   82  O  OP2   . DC  A 1 5 ? 4.192   8.491   3.780   1.00 16.70 ? 5   DC  A OP2   1 
ATOM   83  O  "O5'" . DC  A 1 5 ? 2.575   8.330   1.922   1.00 14.10 ? 5   DC  A "O5'" 1 
ATOM   84  C  "C5'" . DC  A 1 5 ? 2.191   8.338   0.553   1.00 14.84 ? 5   DC  A "C5'" 1 
ATOM   85  C  "C4'" . DC  A 1 5 ? 0.710   8.180   0.409   1.00 14.18 ? 5   DC  A "C4'" 1 
ATOM   86  O  "O4'" . DC  A 1 5 ? 0.323   6.829   0.739   1.00 13.86 ? 5   DC  A "O4'" 1 
ATOM   87  C  "C3'" . DC  A 1 5 ? -0.020  9.153   1.308   1.00 14.53 ? 5   DC  A "C3'" 1 
ATOM   88  O  "O3'" . DC  A 1 5 ? -1.037  9.785   0.524   1.00 17.12 ? 5   DC  A "O3'" 1 
ATOM   89  C  "C2'" . DC  A 1 5 ? -0.612  8.207   2.298   1.00 15.28 ? 5   DC  A "C2'" 1 
ATOM   90  C  "C1'" . DC  A 1 5 ? -0.878  7.011   1.428   1.00 13.65 ? 5   DC  A "C1'" 1 
ATOM   91  N  N1    . DC  A 1 5 ? -1.244  5.793   2.189   1.00 12.54 ? 5   DC  A N1    1 
ATOM   92  C  C2    . DC  A 1 5 ? -2.083  4.921   1.552   1.00 12.09 ? 5   DC  A C2    1 
ATOM   93  O  O2    . DC  A 1 5 ? -2.316  5.045   0.356   1.00 12.36 ? 5   DC  A O2    1 
ATOM   94  N  N3    . DC  A 1 5 ? -2.599  3.871   2.268   1.00 13.40 ? 5   DC  A N3    1 
ATOM   95  C  C4    . DC  A 1 5 ? -2.292  3.681   3.558   1.00 11.79 ? 5   DC  A C4    1 
ATOM   96  N  N4    . DC  A 1 5 ? -2.861  2.645   4.230   1.00 12.59 ? 5   DC  A N4    1 
ATOM   97  C  C5    . DC  A 1 5 ? -1.398  4.570   4.218   1.00 11.99 ? 5   DC  A C5    1 
ATOM   98  C  C6    . DC  A 1 5 ? -0.901  5.605   3.495   1.00 13.00 ? 5   DC  A C6    1 
ATOM   99  P  P     . DG  A 1 6 ? -1.028  11.340  0.152   1.00 15.03 ? 6   DG  A P     1 
ATOM   100 O  OP1   . DG  A 1 6 ? 0.229   11.618  -0.591  1.00 16.36 ? 6   DG  A OP1   1 
ATOM   101 O  OP2   . DG  A 1 6 ? -1.322  12.107  1.371   1.00 13.16 ? 6   DG  A OP2   1 
ATOM   102 O  "O5'" . DG  A 1 6 ? -2.250  11.421  -0.791  1.00 14.08 ? 6   DG  A "O5'" 1 
ATOM   103 C  "C5'" . DG  A 1 6 ? -2.221  10.815  -2.067  1.00 13.47 ? 6   DG  A "C5'" 1 
ATOM   104 C  "C4'" . DG  A 1 6 ? -3.487  11.073  -2.849  1.00 12.87 ? 6   DG  A "C4'" 1 
ATOM   105 O  "O4'" . DG  A 1 6 ? -4.570  10.353  -2.225  1.00 13.36 ? 6   DG  A "O4'" 1 
ATOM   106 C  "C3'" . DG  A 1 6 ? -3.872  12.568  -2.876  1.00 12.10 ? 6   DG  A "C3'" 1 
ATOM   107 O  "O3'" . DG  A 1 6 ? -4.574  12.912  -4.095  1.00 14.21 ? 6   DG  A "O3'" 1 
ATOM   108 C  "C2'" . DG  A 1 6 ? -4.803  12.678  -1.701  1.00 12.53 ? 6   DG  A "C2'" 1 
ATOM   109 C  "C1'" . DG  A 1 6 ? -5.464  11.307  -1.626  1.00 12.49 ? 6   DG  A "C1'" 1 
ATOM   110 N  N9    . DG  A 1 6 ? -5.728  10.838  -0.240  1.00 13.22 ? 6   DG  A N9    1 
ATOM   111 C  C8    . DG  A 1 6 ? -5.082  11.146  0.939   1.00 12.69 ? 6   DG  A C8    1 
ATOM   112 N  N7    . DG  A 1 6 ? -5.544  10.490  1.972   1.00 12.21 ? 6   DG  A N7    1 
ATOM   113 C  C5    . DG  A 1 6 ? -6.564  9.685   1.445   1.00 12.04 ? 6   DG  A C5    1 
ATOM   114 C  C6    . DG  A 1 6 ? -7.432  8.720   2.081   1.00 11.63 ? 6   DG  A C6    1 
ATOM   115 O  O6    . DG  A 1 6 ? -7.446  8.420   3.256   1.00 12.74 ? 6   DG  A O6    1 
ATOM   116 N  N1    . DG  A 1 6 ? -8.321  8.116   1.213   1.00 10.23 ? 6   DG  A N1    1 
ATOM   117 C  C2    . DG  A 1 6 ? -8.380  8.404   -0.123  1.00 11.05 ? 6   DG  A C2    1 
ATOM   118 N  N2    . DG  A 1 6 ? -9.285  7.784   -0.854  1.00 11.25 ? 6   DG  A N2    1 
ATOM   119 N  N3    . DG  A 1 6 ? -7.590  9.305   -0.745  1.00 10.73 ? 6   DG  A N3    1 
ATOM   120 C  C4    . DG  A 1 6 ? -6.700  9.911   0.095   1.00 12.27 ? 6   DG  A C4    1 
ATOM   121 O  "O5'" . DC  B 1 1 ? -12.028 0.606   3.483   1.00 22.03 ? 7   DC  B "O5'" 1 
ATOM   122 C  "C5'" . DC  B 1 1 ? -11.407 0.750   2.201   1.00 17.27 ? 7   DC  B "C5'" 1 
ATOM   123 C  "C4'" . DC  B 1 1 ? -12.474 1.180   1.170   1.00 16.79 ? 7   DC  B "C4'" 1 
ATOM   124 O  "O4'" . DC  B 1 1 ? -13.076 2.454   1.485   1.00 14.57 ? 7   DC  B "O4'" 1 
ATOM   125 C  "C3'" . DC  B 1 1 ? -11.835 1.358   -0.173  1.00 16.39 ? 7   DC  B "C3'" 1 
ATOM   126 O  "O3'" . DC  B 1 1 ? -12.827 1.256   -1.156  1.00 16.92 ? 7   DC  B "O3'" 1 
ATOM   127 C  "C2'" . DC  B 1 1 ? -11.347 2.773   -0.099  1.00 16.08 ? 7   DC  B "C2'" 1 
ATOM   128 C  "C1'" . DC  B 1 1 ? -12.310 3.503   0.871   1.00 15.45 ? 7   DC  B "C1'" 1 
ATOM   129 N  N1    . DC  B 1 1 ? -11.518 4.285   1.885   1.00 14.13 ? 7   DC  B N1    1 
ATOM   130 C  C2    . DC  B 1 1 ? -10.749 5.372   1.433   1.00 13.17 ? 7   DC  B C2    1 
ATOM   131 O  O2    . DC  B 1 1 ? -10.792 5.732   0.265   1.00 14.52 ? 7   DC  B O2    1 
ATOM   132 N  N3    . DC  B 1 1 ? -9.984  6.057   2.324   1.00 13.16 ? 7   DC  B N3    1 
ATOM   133 C  C4    . DC  B 1 1 ? -9.946  5.735   3.622   1.00 12.63 ? 7   DC  B C4    1 
ATOM   134 N  N4    . DC  B 1 1 ? -9.136  6.414   4.419   1.00 10.98 ? 7   DC  B N4    1 
ATOM   135 C  C5    . DC  B 1 1 ? -10.734 4.643   4.116   1.00 13.57 ? 7   DC  B C5    1 
ATOM   136 C  C6    . DC  B 1 1 ? -11.493 3.959   3.220   1.00 14.56 ? 7   DC  B C6    1 
ATOM   137 P  P     . DG  B 1 2 ? -12.959 -0.045  -2.062  1.00 18.29 ? 8   DG  B P     1 
ATOM   138 O  OP1   . DG  B 1 2 ? -13.926 0.207   -3.162  1.00 19.11 ? 8   DG  B OP1   1 
ATOM   139 O  OP2   . DG  B 1 2 ? -13.152 -1.234  -1.170  1.00 15.84 ? 8   DG  B OP2   1 
ATOM   140 O  "O5'" . DG  B 1 2 ? -11.524 -0.164  -2.712  1.00 19.97 ? 8   DG  B "O5'" 1 
ATOM   141 C  "C5'" . DG  B 1 2 ? -10.942 0.817   -3.634  1.00 18.78 ? 8   DG  B "C5'" 1 
ATOM   142 C  "C4'" . DG  B 1 2 ? -9.430  0.751   -3.646  1.00 17.59 ? 8   DG  B "C4'" 1 
ATOM   143 O  "O4'" . DG  B 1 2 ? -8.895  1.148   -2.362  1.00 14.96 ? 8   DG  B "O4'" 1 
ATOM   144 C  "C3'" . DG  B 1 2 ? -8.964  -0.709  -3.935  1.00 18.80 ? 8   DG  B "C3'" 1 
ATOM   145 O  "O3'" . DG  B 1 2 ? -7.847  -0.767  -4.827  1.00 21.71 ? 8   DG  B "O3'" 1 
ATOM   146 C  "C2'" . DG  B 1 2 ? -8.427  -1.109  -2.580  1.00 16.90 ? 8   DG  B "C2'" 1 
ATOM   147 C  "C1'" . DG  B 1 2 ? -7.852  0.193   -2.143  1.00 14.87 ? 8   DG  B "C1'" 1 
ATOM   148 N  N9    . DG  B 1 2 ? -7.451  0.182   -0.724  1.00 14.29 ? 8   DG  B N9    1 
ATOM   149 C  C8    . DG  B 1 2 ? -7.965  -0.499  0.347   1.00 14.44 ? 8   DG  B C8    1 
ATOM   150 N  N7    . DG  B 1 2 ? -7.326  -0.224  1.465   1.00 14.17 ? 8   DG  B N7    1 
ATOM   151 C  C5    . DG  B 1 2 ? -6.334  0.697   1.073   1.00 12.73 ? 8   DG  B C5    1 
ATOM   152 C  C6    . DG  B 1 2 ? -5.338  1.360   1.823   1.00 12.93 ? 8   DG  B C6    1 
ATOM   153 O  O6    . DG  B 1 2 ? -5.075  1.234   3.019   1.00 13.69 ? 8   DG  B O6    1 
ATOM   154 N  N1    . DG  B 1 2 ? -4.571  2.214   1.037   1.00 13.16 ? 8   DG  B N1    1 
ATOM   155 C  C2    . DG  B 1 2 ? -4.749  2.394   -0.308  1.00 12.60 ? 8   DG  B C2    1 
ATOM   156 N  N2    . DG  B 1 2 ? -3.971  3.273   -0.922  1.00 12.38 ? 8   DG  B N2    1 
ATOM   157 N  N3    . DG  B 1 2 ? -5.671  1.767   -1.017  1.00 11.95 ? 8   DG  B N3    1 
ATOM   158 C  C4    . DG  B 1 2 ? -6.425  0.938   -0.260  1.00 12.88 ? 8   DG  B C4    1 
ATOM   159 P  P     . DT  B 1 3 ? -7.916  -1.536  -6.231  1.00 23.66 ? 9   DT  B P     1 
ATOM   160 O  OP1   . DT  B 1 3 ? -9.218  -1.246  -6.905  1.00 23.18 ? 9   DT  B OP1   1 
ATOM   161 O  OP2   . DT  B 1 3 ? -7.420  -2.910  -6.006  1.00 24.08 ? 9   DT  B OP2   1 
ATOM   162 O  "O5'" . DT  B 1 3 ? -6.726  -0.824  -7.102  1.00 20.78 ? 9   DT  B "O5'" 1 
ATOM   163 C  "C5'" . DT  B 1 3 ? -6.768  0.585   -7.298  1.00 19.33 ? 9   DT  B "C5'" 1 
ATOM   164 C  "C4'" . DT  B 1 3 ? -5.486  1.296   -6.874  1.00 19.51 ? 9   DT  B "C4'" 1 
ATOM   165 O  "O4'" . DT  B 1 3 ? -5.255  1.263   -5.469  1.00 16.97 ? 9   DT  B "O4'" 1 
ATOM   166 C  "C3'" . DT  B 1 3 ? -4.336  0.594   -7.562  1.00 18.49 ? 9   DT  B "C3'" 1 
ATOM   167 O  "O3'" . DT  B 1 3 ? -3.620  1.492   -8.377  1.00 21.18 ? 9   DT  B "O3'" 1 
ATOM   168 C  "C2'" . DT  B 1 3 ? -3.487  0.186   -6.414  1.00 18.22 ? 9   DT  B "C2'" 1 
ATOM   169 C  "C1'" . DT  B 1 3 ? -3.876  1.065   -5.279  1.00 15.16 ? 9   DT  B "C1'" 1 
ATOM   170 N  N1    . DT  B 1 3 ? -3.704  0.384   -3.991  1.00 15.03 ? 9   DT  B N1    1 
ATOM   171 C  C2    . DT  B 1 3 ? -2.877  0.983   -3.081  1.00 14.92 ? 9   DT  B C2    1 
ATOM   172 O  O2    . DT  B 1 3 ? -2.178  1.963   -3.319  1.00 15.93 ? 9   DT  B O2    1 
ATOM   173 N  N3    . DT  B 1 3 ? -2.808  0.383   -1.853  1.00 13.68 ? 9   DT  B N3    1 
ATOM   174 C  C4    . DT  B 1 3 ? -3.475  -0.754  -1.443  1.00 16.14 ? 9   DT  B C4    1 
ATOM   175 O  O4    . DT  B 1 3 ? -3.380  -1.138  -0.265  1.00 16.35 ? 9   DT  B O4    1 
ATOM   176 C  C5    . DT  B 1 3 ? -4.304  -1.331  -2.465  1.00 15.77 ? 9   DT  B C5    1 
ATOM   177 C  C7    . DT  B 1 3 ? -5.075  -2.584  -2.091  1.00 18.30 ? 9   DT  B C7    1 
ATOM   178 C  C6    . DT  B 1 3 ? -4.400  -0.765  -3.682  1.00 15.37 ? 9   DT  B C6    1 
ATOM   179 P  P     . DA  B 1 4 ? -2.521  0.937   -9.415  1.00 23.63 ? 10  DA  B P     1 
ATOM   180 O  OP1   . DA  B 1 4 ? -2.891  1.541   -10.694 1.00 25.63 ? 10  DA  B OP1   1 
ATOM   181 O  OP2   . DA  B 1 4 ? -2.272  -0.526  -9.311  1.00 24.47 ? 10  DA  B OP2   1 
ATOM   182 O  "O5'" . DA  B 1 4 ? -1.222  1.602   -8.768  1.00 21.76 ? 10  DA  B "O5'" 1 
ATOM   183 C  "C5'" . DA  B 1 4 ? -1.048  2.973   -8.465  1.00 17.55 ? 10  DA  B "C5'" 1 
ATOM   184 C  "C4'" . DA  B 1 4 ? 0.236   3.219   -7.672  1.00 17.62 ? 10  DA  B "C4'" 1 
ATOM   185 O  "O4'" . DA  B 1 4 ? 0.178   2.597   -6.359  1.00 16.55 ? 10  DA  B "O4'" 1 
ATOM   186 C  "C3'" . DA  B 1 4 ? 1.442   2.591   -8.352  1.00 14.89 ? 10  DA  B "C3'" 1 
ATOM   187 O  "O3'" . DA  B 1 4 ? 2.580   3.440   -8.133  1.00 15.72 ? 10  DA  B "O3'" 1 
ATOM   188 C  "C2'" . DA  B 1 4 ? 1.610   1.260   -7.596  1.00 15.80 ? 10  DA  B "C2'" 1 
ATOM   189 C  "C1'" . DA  B 1 4 ? 1.245   1.638   -6.187  1.00 16.05 ? 10  DA  B "C1'" 1 
ATOM   190 N  N9    . DA  B 1 4 ? 0.692   0.512   -5.411  1.00 14.50 ? 10  DA  B N9    1 
ATOM   191 C  C8    . DA  B 1 4 ? -0.244  -0.411  -5.801  1.00 14.49 ? 10  DA  B C8    1 
ATOM   192 N  N7    . DA  B 1 4 ? -0.590  -1.244  -4.848  1.00 14.77 ? 10  DA  B N7    1 
ATOM   193 C  C5    . DA  B 1 4 ? 0.187   -0.834  -3.748  1.00 14.93 ? 10  DA  B C5    1 
ATOM   194 C  C6    . DA  B 1 4 ? 0.320   -1.307  -2.421  1.00 14.40 ? 10  DA  B C6    1 
ATOM   195 N  N6    . DA  B 1 4 ? -0.373  -2.347  -1.949  1.00 14.43 ? 10  DA  B N6    1 
ATOM   196 N  N1    . DA  B 1 4 ? 1.193   -0.681  -1.621  1.00 13.69 ? 10  DA  B N1    1 
ATOM   197 C  C2    . DA  B 1 4 ? 1.885   0.344   -2.087  1.00 15.02 ? 10  DA  B C2    1 
ATOM   198 N  N3    . DA  B 1 4 ? 1.855   0.886   -3.293  1.00 14.97 ? 10  DA  B N3    1 
ATOM   199 C  C4    . DA  B 1 4 ? 0.973   0.238   -4.089  1.00 15.16 ? 10  DA  B C4    1 
ATOM   200 P  P     . DC  B 1 5 ? 3.973   3.175   -8.892  1.00 16.38 ? 11  DC  B P     1 
ATOM   201 O  OP1   . DC  B 1 5 ? 4.716   4.449   -8.906  1.00 18.69 ? 11  DC  B OP1   1 
ATOM   202 O  OP2   . DC  B 1 5 ? 3.706   2.506   -10.172 1.00 16.51 ? 11  DC  B OP2   1 
ATOM   203 O  "O5'" . DC  B 1 5 ? 4.833   2.197   -7.989  1.00 17.72 ? 11  DC  B "O5'" 1 
ATOM   204 C  "C5'" . DC  B 1 5 ? 5.498   2.618   -6.795  1.00 13.65 ? 11  DC  B "C5'" 1 
ATOM   205 C  "C4'" . DC  B 1 5 ? 6.083   1.382   -6.118  1.00 15.89 ? 11  DC  B "C4'" 1 
ATOM   206 O  "O4'" . DC  B 1 5 ? 4.995   0.597   -5.586  1.00 13.47 ? 11  DC  B "O4'" 1 
ATOM   207 C  "C3'" . DC  B 1 5 ? 6.847   0.446   -7.085  1.00 13.77 ? 11  DC  B "C3'" 1 
ATOM   208 O  "O3'" . DC  B 1 5 ? 8.007   -0.088  -6.439  1.00 15.10 ? 11  DC  B "O3'" 1 
ATOM   209 C  "C2'" . DC  B 1 5 ? 5.900   -0.681  -7.294  1.00 13.79 ? 11  DC  B "C2'" 1 
ATOM   210 C  "C1'" . DC  B 1 5 ? 5.292   -0.734  -5.919  1.00 12.36 ? 11  DC  B "C1'" 1 
ATOM   211 N  N1    . DC  B 1 5 ? 4.034   -1.531  -5.779  1.00 12.39 ? 11  DC  B N1    1 
ATOM   212 C  C2    . DC  B 1 5 ? 3.813   -1.991  -4.482  1.00 12.47 ? 11  DC  B C2    1 
ATOM   213 O  O2    . DC  B 1 5 ? 4.412   -1.488  -3.515  1.00 13.07 ? 11  DC  B O2    1 
ATOM   214 N  N3    . DC  B 1 5 ? 2.813   -2.888  -4.303  1.00 11.91 ? 11  DC  B N3    1 
ATOM   215 C  C4    . DC  B 1 5 ? 2.050   -3.286  -5.319  1.00 12.21 ? 11  DC  B C4    1 
ATOM   216 N  N4    . DC  B 1 5 ? 1.105   -4.178  -5.052  1.00 11.35 ? 11  DC  B N4    1 
ATOM   217 C  C5    . DC  B 1 5 ? 2.241   -2.787  -6.672  1.00 11.98 ? 11  DC  B C5    1 
ATOM   218 C  C6    . DC  B 1 5 ? 3.247   -1.920  -6.833  1.00 10.99 ? 11  DC  B C6    1 
ATOM   219 P  P     . DG  B 1 6 ? 9.466   0.275   -7.055  1.00 15.27 ? 12  DG  B P     1 
ATOM   220 O  OP1   . DG  B 1 6 ? 9.497   1.754   -6.906  1.00 16.16 ? 12  DG  B OP1   1 
ATOM   221 O  OP2   . DG  B 1 6 ? 9.687   -0.372  -8.341  1.00 14.50 ? 12  DG  B OP2   1 
ATOM   222 O  "O5'" . DG  B 1 6 ? 10.450  -0.326  -5.951  1.00 15.00 ? 12  DG  B "O5'" 1 
ATOM   223 C  "C5'" . DG  B 1 6 ? 10.469  0.169   -4.603  1.00 15.21 ? 12  DG  B "C5'" 1 
ATOM   224 C  "C4'" . DG  B 1 6 ? 11.503  -0.618  -3.777  1.00 15.77 ? 12  DG  B "C4'" 1 
ATOM   225 O  "O4'" . DG  B 1 6 ? 11.047  -1.983  -3.600  1.00 14.07 ? 12  DG  B "O4'" 1 
ATOM   226 C  "C3'" . DG  B 1 6 ? 12.863  -0.708  -4.507  1.00 16.71 ? 12  DG  B "C3'" 1 
ATOM   227 O  "O3'" . DG  B 1 6 ? 13.893  -0.780  -3.514  1.00 19.40 ? 12  DG  B "O3'" 1 
ATOM   228 C  "C2'" . DG  B 1 6 ? 12.754  -2.045  -5.237  1.00 15.05 ? 12  DG  B "C2'" 1 
ATOM   229 C  "C1'" . DG  B 1 6 ? 11.882  -2.889  -4.327  1.00 12.72 ? 12  DG  B "C1'" 1 
ATOM   230 N  N9    . DG  B 1 6 ? 10.970  -3.790  -5.049  1.00 12.78 ? 12  DG  B N9    1 
ATOM   231 C  C8    . DG  B 1 6 ? 10.536  -3.745  -6.353  1.00 13.23 ? 12  DG  B C8    1 
ATOM   232 N  N7    . DG  B 1 6 ? 9.653   -4.652  -6.655  1.00 13.18 ? 12  DG  B N7    1 
ATOM   233 C  C5    . DG  B 1 6 ? 9.490   -5.355  -5.466  1.00 12.52 ? 12  DG  B C5    1 
ATOM   234 C  C6    . DG  B 1 6 ? 8.647   -6.449  -5.164  1.00 11.63 ? 12  DG  B C6    1 
ATOM   235 O  O6    . DG  B 1 6 ? 7.838   -7.003  -5.904  1.00 11.99 ? 12  DG  B O6    1 
ATOM   236 N  N1    . DG  B 1 6 ? 8.778   -6.864  -3.842  1.00 11.36 ? 12  DG  B N1    1 
ATOM   237 C  C2    . DG  B 1 6 ? 9.621   -6.282  -2.933  1.00 11.29 ? 12  DG  B C2    1 
ATOM   238 N  N2    . DG  B 1 6 ? 9.608   -6.767  -1.714  1.00 12.33 ? 12  DG  B N2    1 
ATOM   239 N  N3    . DG  B 1 6 ? 10.416  -5.259  -3.199  1.00 12.48 ? 12  DG  B N3    1 
ATOM   240 C  C4    . DG  B 1 6 ? 10.296  -4.844  -4.489  1.00 12.50 ? 12  DG  B C4    1 
HETATM 241 C  C2    . BGC C 2 . ? -2.513  -1.999  5.993   1.00 15.93 ? 7   BGC A C2    1 
HETATM 242 C  C3    . BGC C 2 . ? -3.933  -2.555  6.266   1.00 16.18 ? 7   BGC A C3    1 
HETATM 243 C  C4    . BGC C 2 . ? -4.888  -2.408  5.042   1.00 14.71 ? 7   BGC A C4    1 
HETATM 244 C  C5    . BGC C 2 . ? -4.184  -2.903  3.774   1.00 14.05 ? 7   BGC A C5    1 
HETATM 245 C  C6    . BGC C 2 . ? -5.038  -2.562  2.536   1.00 15.11 ? 7   BGC A C6    1 
HETATM 246 C  C1    . BGC C 2 . ? -1.964  -2.692  4.714   1.00 15.21 ? 7   BGC A C1    1 
HETATM 247 O  O1    . BGC C 2 . ? -0.639  -2.217  4.397   1.00 13.69 ? 7   BGC A O1    1 
HETATM 248 O  O2    . BGC C 2 . ? -1.637  -2.280  7.100   1.00 17.06 ? 7   BGC A O2    1 
HETATM 249 O  O3    . BGC C 2 . ? -4.442  -1.935  7.442   1.00 16.77 ? 7   BGC A O3    1 
HETATM 250 O  O4    . BGC C 2 . ? -6.145  -3.122  5.140   1.00 13.79 ? 7   BGC A O4    1 
HETATM 251 O  O5    . BGC C 2 . ? -2.842  -2.436  3.629   1.00 14.46 ? 7   BGC A O5    1 
HETATM 252 O  O6    . BGC C 2 . ? -4.466  -3.209  1.416   1.00 15.10 ? 7   BGC A O6    1 
HETATM 253 C  C1    . DM1 D 3 . ? -6.003  4.201   5.560   1.00 12.46 ? 14  DM1 A C1    1 
HETATM 254 C  C2    . DM1 D 3 . ? -5.190  4.606   6.611   1.00 12.48 ? 14  DM1 A C2    1 
HETATM 255 C  C3    . DM1 D 3 . ? -4.298  5.668   6.448   1.00 13.28 ? 14  DM1 A C3    1 
HETATM 256 C  C4    . DM1 D 3 . ? -4.166  6.310   5.202   1.00 12.88 ? 14  DM1 A C4    1 
HETATM 257 O  O4    . DM1 D 3 . ? -3.230  7.270   5.047   1.00 14.17 ? 14  DM1 A O4    1 
HETATM 258 C  C5    . DM1 D 3 . ? -4.979  5.899   4.129   1.00 12.76 ? 14  DM1 A C5    1 
HETATM 259 C  C6    . DM1 D 3 . ? -4.830  6.488   2.764   1.00 12.26 ? 14  DM1 A C6    1 
HETATM 260 O  O6    . DM1 D 3 . ? -4.051  7.433   2.566   1.00 13.55 ? 14  DM1 A O6    1 
HETATM 261 C  C7    . DM1 D 3 . ? -5.640  5.952   1.648   1.00 12.59 ? 14  DM1 A C7    1 
HETATM 262 C  C8    . DM1 D 3 . ? -5.427  6.419   0.350   1.00 11.79 ? 14  DM1 A C8    1 
HETATM 263 O  O8    . DM1 D 3 . ? -4.523  7.480   0.098   1.00 12.29 ? 14  DM1 A O8    1 
HETATM 264 C  C9    . DM1 D 3 . ? -6.170  5.926   -0.708  1.00 12.66 ? 14  DM1 A C9    1 
HETATM 265 C  C10   . DM1 D 3 . ? -5.826  6.438   -2.120  1.00 13.66 ? 14  DM1 A C10   1 
HETATM 266 O  O10   . DM1 D 3 . ? -4.490  5.998   -2.328  1.00 15.12 ? 14  DM1 A O10   1 
HETATM 267 C  C11   . DM1 D 3 . ? -6.836  5.953   -3.170  1.00 14.19 ? 14  DM1 A C11   1 
HETATM 268 C  C12   . DM1 D 3 . ? -7.266  4.498   -3.011  1.00 14.12 ? 14  DM1 A C12   1 
HETATM 269 O  O12   . DM1 D 3 . ? -6.116  3.633   -3.119  1.00 14.56 ? 14  DM1 A O12   1 
HETATM 270 C  C13   . DM1 D 3 . ? -8.270  4.188   -4.164  1.00 16.03 ? 14  DM1 A C13   1 
HETATM 271 O  O13   . DM1 D 3 . ? -9.492  4.305   -3.985  1.00 18.19 ? 14  DM1 A O13   1 
HETATM 272 C  C14   . DM1 D 3 . ? -7.767  3.755   -5.533  1.00 16.10 ? 14  DM1 A C14   1 
HETATM 273 C  C15   . DM1 D 3 . ? -7.979  4.403   -1.655  1.00 13.24 ? 14  DM1 A C15   1 
HETATM 274 C  C16   . DM1 D 3 . ? -7.148  4.950   -0.494  1.00 12.52 ? 14  DM1 A C16   1 
HETATM 275 C  C17   . DM1 D 3 . ? -7.356  4.454   0.804   1.00 12.34 ? 14  DM1 A C17   1 
HETATM 276 O  O17   . DM1 D 3 . ? -8.274  3.377   0.938   1.00 11.44 ? 14  DM1 A O17   1 
HETATM 277 C  C18   . DM1 D 3 . ? -6.607  4.957   1.877   1.00 12.06 ? 14  DM1 A C18   1 
HETATM 278 C  C19   . DM1 D 3 . ? -6.744  4.369   3.223   1.00 12.11 ? 14  DM1 A C19   1 
HETATM 279 O  O19   . DM1 D 3 . ? -7.556  3.468   3.433   1.00 13.71 ? 14  DM1 A O19   1 
HETATM 280 C  C20   . DM1 D 3 . ? -5.904  4.844   4.325   1.00 13.09 ? 14  DM1 A C20   1 
HETATM 281 C  C21   . DM1 D 3 . ? -2.348  7.646   6.151   1.00 12.35 ? 14  DM1 A C21   1 
HETATM 282 C  "C1'" . DM1 D 3 . ? -3.610  6.942   -2.968  1.00 15.94 ? 14  DM1 A "C1'" 1 
HETATM 283 C  "C2'" . DM1 D 3 . ? -2.191  6.899   -2.340  1.00 16.82 ? 14  DM1 A "C2'" 1 
HETATM 284 C  "C3'" . DM1 D 3 . ? -1.474  5.536   -2.565  1.00 17.99 ? 14  DM1 A "C3'" 1 
HETATM 285 N  "N3'" . DM1 D 3 . ? -0.103  5.600   -2.028  1.00 16.20 ? 14  DM1 A "N3'" 1 
HETATM 286 C  "C4'" . DM1 D 3 . ? -1.520  5.146   -4.081  1.00 17.84 ? 14  DM1 A "C4'" 1 
HETATM 287 O  "O4'" . DM1 D 3 . ? -0.620  5.988   -4.871  1.00 20.80 ? 14  DM1 A "O4'" 1 
HETATM 288 C  "C5'" . DM1 D 3 . ? -3.003  5.275   -4.596  1.00 18.18 ? 14  DM1 A "C5'" 1 
HETATM 289 O  "O5'" . DM1 D 3 . ? -3.555  6.604   -4.358  1.00 17.55 ? 14  DM1 A "O5'" 1 
HETATM 290 C  "C6'" . DM1 D 3 . ? -3.262  4.951   -6.057  1.00 17.79 ? 14  DM1 A "C6'" 1 
HETATM 291 MG MG    . MG  E 4 . ? 4.737   -5.753  9.643   1.00 16.12 ? 16  MG  A MG    1 
HETATM 292 MG MG    . MG  F 4 . ? 5.201   3.482   8.960   1.00 20.52 ? 17  MG  A MG    1 
HETATM 293 C  C2    . BGC G 2 . ? -6.843  -5.247  -3.593  0.50 22.92 ? 13  BGC B C2    1 
HETATM 294 C  C3    . BGC G 2 . ? -7.178  -6.655  -3.122  0.50 23.61 ? 13  BGC B C3    1 
HETATM 295 C  C4    . BGC G 2 . ? -5.890  -7.477  -2.929  0.50 24.17 ? 13  BGC B C4    1 
HETATM 296 C  C5    . BGC G 2 . ? -4.857  -6.807  -1.995  0.50 24.21 ? 13  BGC B C5    1 
HETATM 297 C  C6    . BGC G 2 . ? -3.518  -7.533  -2.134  0.50 23.85 ? 13  BGC B C6    1 
HETATM 298 C  C1    . BGC G 2 . ? -5.814  -4.631  -2.614  0.50 21.64 ? 13  BGC B C1    1 
HETATM 299 O  O1    . BGC G 2 . ? -5.271  -3.453  -3.171  0.50 19.71 ? 13  BGC B O1    1 
HETATM 300 O  O2    . BGC G 2 . ? -8.045  -4.482  -3.803  0.50 22.54 ? 13  BGC B O2    1 
HETATM 301 O  O3    . BGC G 2 . ? -8.003  -7.292  -4.101  0.50 26.25 ? 13  BGC B O3    1 
HETATM 302 O  O4    . BGC G 2 . ? -6.240  -8.770  -2.457  0.50 22.80 ? 13  BGC B O4    1 
HETATM 303 O  O5    . BGC G 2 . ? -4.643  -5.451  -2.431  0.50 23.12 ? 13  BGC B O5    1 
HETATM 304 O  O6    . BGC G 2 . ? -2.599  -7.215  -1.076  0.50 27.64 ? 13  BGC B O6    1 
HETATM 305 C  C1    . DM1 H 3 . ? 2.917   -7.052  -6.173  1.00 13.05 ? 14  DM1 B C1    1 
HETATM 306 C  C2    . DM1 H 3 . ? 2.585   -6.760  -7.492  1.00 13.06 ? 14  DM1 B C2    1 
HETATM 307 C  C3    . DM1 H 3 . ? 3.313   -5.798  -8.190  1.00 11.52 ? 14  DM1 B C3    1 
HETATM 308 C  C4    . DM1 H 3 . ? 4.384   -5.126  -7.576  1.00 12.37 ? 14  DM1 B C4    1 
HETATM 309 O  O4    . DM1 H 3 . ? 5.048   -4.143  -8.278  1.00 12.27 ? 14  DM1 B O4    1 
HETATM 310 C  C5    . DM1 H 3 . ? 4.730   -5.437  -6.241  1.00 11.16 ? 14  DM1 B C5    1 
HETATM 311 C  C6    . DM1 H 3 . ? 5.767   -4.646  -5.521  1.00 11.82 ? 14  DM1 B C6    1 
HETATM 312 O  O6    . DM1 H 3 . ? 6.481   -3.806  -6.124  1.00 11.77 ? 14  DM1 B O6    1 
HETATM 313 C  C7    . DM1 H 3 . ? 5.968   -4.870  -4.071  1.00 10.82 ? 14  DM1 B C7    1 
HETATM 314 C  C8    . DM1 H 3 . ? 6.875   -4.074  -3.375  1.00 12.28 ? 14  DM1 B C8    1 
HETATM 315 O  O8    . DM1 H 3 . ? 7.576   -3.040  -4.020  1.00 12.96 ? 14  DM1 B O8    1 
HETATM 316 C  C9    . DM1 H 3 . ? 7.093   -4.278  -2.014  1.00 12.47 ? 14  DM1 B C9    1 
HETATM 317 C  C10   . DM1 H 3 . ? 8.059   -3.348  -1.278  1.00 11.16 ? 14  DM1 B C10   1 
HETATM 318 O  O10   . DM1 H 3 . ? 7.268   -2.166  -1.274  1.00 13.27 ? 14  DM1 B O10   1 
HETATM 319 C  C11   . DM1 H 3 . ? 8.431   -3.827  0.132   1.00 12.86 ? 14  DM1 B C11   1 
HETATM 320 C  C12   . DM1 H 3 . ? 7.213   -4.345  0.912   1.00 12.21 ? 14  DM1 B C12   1 
HETATM 321 O  O12   . DM1 H 3 . ? 6.174   -3.341  1.053   1.00 12.49 ? 14  DM1 B O12   1 
HETATM 322 C  C13   . DM1 H 3 . ? 7.742   -4.794  2.312   1.00 12.60 ? 14  DM1 B C13   1 
HETATM 323 O  O13   . DM1 H 3 . ? 8.149   -5.948  2.477   1.00 13.76 ? 14  DM1 B O13   1 
HETATM 324 C  C14   . DM1 H 3 . ? 7.767   -3.794  3.469   1.00 12.54 ? 14  DM1 B C14   1 
HETATM 325 C  C15   . DM1 H 3 . ? 6.668   -5.569  0.146   1.00 12.62 ? 14  DM1 B C15   1 
HETATM 326 C  C16   . DM1 H 3 . ? 6.388   -5.294  -1.344  1.00 12.12 ? 14  DM1 B C16   1 
HETATM 327 C  C17   . DM1 H 3 . ? 5.466   -6.082  -2.033  1.00 11.57 ? 14  DM1 B C17   1 
HETATM 328 O  O17   . DM1 H 3 . ? 4.721   -7.076  -1.345  1.00 13.18 ? 14  DM1 B O17   1 
HETATM 329 C  C18   . DM1 H 3 . ? 5.242   -5.878  -3.390  1.00 11.12 ? 14  DM1 B C18   1 
HETATM 330 C  C19   . DM1 H 3 . ? 4.217   -6.674  -4.108  1.00 11.28 ? 14  DM1 B C19   1 
HETATM 331 O  O19   . DM1 H 3 . ? 3.557   -7.572  -3.546  1.00 12.17 ? 14  DM1 B O19   1 
HETATM 332 C  C20   . DM1 H 3 . ? 3.973   -6.406  -5.541  1.00 11.45 ? 14  DM1 B C20   1 
HETATM 333 C  C21   . DM1 H 3 . ? 4.578   -3.763  -9.592  1.00 10.99 ? 14  DM1 B C21   1 
HETATM 334 C  "C1'" . DM1 H 3 . ? 8.034   -1.011  -1.581  1.00 14.53 ? 14  DM1 B "C1'" 1 
HETATM 335 C  "C2'" . DM1 H 3 . ? 7.202   -0.095  -2.485  1.00 13.99 ? 14  DM1 B "C2'" 1 
HETATM 336 C  "C3'" . DM1 H 3 . ? 6.024   0.501   -1.733  1.00 13.98 ? 14  DM1 B "C3'" 1 
HETATM 337 N  "N3'" . DM1 H 3 . ? 5.297   1.433   -2.635  1.00 13.32 ? 14  DM1 B "N3'" 1 
HETATM 338 C  "C4'" . DM1 H 3 . ? 6.523   1.197   -0.422  1.00 15.52 ? 14  DM1 B "C4'" 1 
HETATM 339 O  "O4'" . DM1 H 3 . ? 7.273   2.389   -0.726  1.00 16.89 ? 14  DM1 B "O4'" 1 
HETATM 340 C  "C5'" . DM1 H 3 . ? 7.419   0.216   0.412   1.00 14.65 ? 14  DM1 B "C5'" 1 
HETATM 341 O  "O5'" . DM1 H 3 . ? 8.489   -0.365  -0.376  1.00 14.00 ? 14  DM1 B "O5'" 1 
HETATM 342 C  "C6'" . DM1 H 3 . ? 7.984   0.740   1.732   1.00 16.11 ? 14  DM1 B "C6'" 1 
HETATM 343 MG MG    . MG  I 4 . ? -8.463  0.069   5.771   1.00 15.59 ? 15  MG  B MG    1 
HETATM 344 O  O     . HOH J 5 . ? 0.287   -9.513  8.891   1.00 61.39 ? 18  HOH A O     1 
HETATM 345 O  O     . HOH J 5 . ? 1.585   7.956   5.125   1.00 24.92 ? 19  HOH A O     1 
HETATM 346 O  O     . HOH J 5 . ? -6.215  10.656  -5.255  1.00 29.82 ? 22  HOH A O     1 
HETATM 347 O  O     . HOH J 5 . ? -4.067  10.055  4.247   1.00 15.79 ? 23  HOH A O     1 
HETATM 348 O  O     . HOH J 5 . ? 3.164   -9.494  7.872   1.00 35.30 ? 24  HOH A O     1 
HETATM 349 O  O     . HOH J 5 . ? 3.252   -0.198  8.797   1.00 19.73 ? 25  HOH A O     1 
HETATM 350 O  O     . HOH J 5 . ? -1.623  -7.199  -4.980  1.00 42.42 ? 27  HOH A O     1 
HETATM 351 O  O     . HOH J 5 . ? 0.051   0.653   5.907   1.00 16.98 ? 29  HOH A O     1 
HETATM 352 O  O     . HOH J 5 . ? -6.750  8.732   8.344   1.00 72.23 ? 30  HOH A O     1 
HETATM 353 O  O     . HOH J 5 . ? 7.972   -5.292  6.751   1.00 24.27 ? 31  HOH A O     1 
HETATM 354 O  O     . HOH J 5 . ? 2.276   3.257   6.911   1.00 25.64 ? 32  HOH A O     1 
HETATM 355 O  O     . HOH J 5 . ? 7.530   -8.614  7.801   1.00 48.34 ? 34  HOH A O     1 
HETATM 356 O  O     . HOH J 5 . ? -7.950  9.466   -3.502  1.00 21.56 ? 35  HOH A O     1 
HETATM 357 O  O     . HOH J 5 . ? 1.786   -11.958 -2.776  1.00 19.23 ? 36  HOH A O     1 
HETATM 358 O  O     . HOH J 5 . ? -2.214  2.007   7.128   1.00 16.75 ? 37  HOH A O     1 
HETATM 359 O  O     . HOH J 5 . ? -8.121  -1.908  9.410   1.00 43.20 ? 38  HOH A O     1 
HETATM 360 O  O     . HOH J 5 . ? 7.655   -13.161 4.797   1.00 43.10 ? 39  HOH A O     1 
HETATM 361 O  O     . HOH J 5 . ? -2.103  -4.287  1.046   1.00 21.77 ? 41  HOH A O     1 
HETATM 362 O  O     . HOH J 5 . ? 1.805   -10.284 -4.951  1.00 32.09 ? 42  HOH A O     1 
HETATM 363 O  O     . HOH J 5 . ? 5.121   -1.744  9.915   1.00 24.16 ? 44  HOH A O     1 
HETATM 364 O  O     . HOH J 5 . ? 1.148   -8.286  6.377   1.00 47.64 ? 47  HOH A O     1 
HETATM 365 O  O     . HOH J 5 . ? 5.057   7.504   6.908   1.00 38.10 ? 48  HOH A O     1 
HETATM 366 O  O     . HOH J 5 . ? 0.919   -5.916  7.786   1.00 16.93 ? 50  HOH A O     1 
HETATM 367 O  O     . HOH J 5 . ? -1.658  -5.123  8.531   1.00 28.08 ? 51  HOH A O     1 
HETATM 368 O  O     . HOH J 5 . ? 8.253   8.187   1.387   1.00 46.63 ? 52  HOH A O     1 
HETATM 369 O  O     . HOH J 5 . ? 0.548   -9.131  3.843   1.00 36.27 ? 56  HOH A O     1 
HETATM 370 O  O     . HOH J 5 . ? 0.925   -1.390  7.374   1.00 15.93 ? 57  HOH A O     1 
HETATM 371 O  O     . HOH J 5 . ? -5.729  -3.675  8.997   1.00 23.72 ? 58  HOH A O     1 
HETATM 372 O  O     . HOH J 5 . ? 1.715   3.812   -2.943  1.00 23.17 ? 59  HOH A O     1 
HETATM 373 O  O     . HOH J 5 . ? -4.594  0.683   7.240   1.00 16.07 ? 60  HOH A O     1 
HETATM 374 O  O     . HOH J 5 . ? 3.940   -10.601 -6.675  1.00 23.78 ? 61  HOH A O     1 
HETATM 375 O  O     . HOH J 5 . ? -2.415  -1.009  9.867   1.00 25.66 ? 62  HOH A O     1 
HETATM 376 O  O     . HOH J 5 . ? -1.534  11.609  4.089   1.00 44.77 ? 64  HOH A O     1 
HETATM 377 O  O     . HOH J 5 . ? 1.321   7.866   -2.879  1.00 23.55 ? 65  HOH A O     1 
HETATM 378 O  O     . HOH J 5 . ? -4.689  12.370  5.536   1.00 71.79 ? 66  HOH A O     1 
HETATM 379 O  O     . HOH J 5 . ? 3.655   3.291   -0.975  1.00 20.15 ? 68  HOH A O     1 
HETATM 380 O  O     . HOH J 5 . ? 4.117   5.707   -1.993  1.00 49.93 ? 69  HOH A O     1 
HETATM 381 O  O     . HOH J 5 . ? 5.041   -9.749  11.651  1.00 18.11 ? 70  HOH A O     1 
HETATM 382 O  O     . HOH J 5 . ? 1.936   -8.704  11.006  1.00 25.25 ? 71  HOH A O     1 
HETATM 383 O  O     . HOH J 5 . ? -9.807  -4.162  9.725   1.00 47.80 ? 72  HOH A O     1 
HETATM 384 O  O     . HOH J 5 . ? 1.566   10.630  -2.816  1.00 30.90 ? 73  HOH A O     1 
HETATM 385 O  O     . HOH J 5 . ? -2.076  -6.493  2.927   1.00 36.87 ? 74  HOH A O     1 
HETATM 386 O  O     . HOH J 5 . ? 0.540   -8.275  -3.568  1.00 39.35 ? 75  HOH A O     1 
HETATM 387 O  O     . HOH J 5 . ? 0.125   -9.026  -0.882  1.00 35.43 ? 76  HOH A O     1 
HETATM 388 O  O     . HOH J 5 . ? -6.968  9.252   5.694   1.00 42.32 ? 81  HOH A O     1 
HETATM 389 O  O     . HOH J 5 . ? -3.184  -3.655  10.363  1.00 48.70 ? 83  HOH A O     1 
HETATM 390 O  O     . HOH J 5 . ? 5.709   7.759   -1.302  1.00 50.84 ? 84  HOH A O     1 
HETATM 391 O  O     . HOH J 5 . ? 8.861   -8.953  1.610   1.00 22.08 ? 87  HOH A O     1 
HETATM 392 O  O     . HOH J 5 . ? 8.778   1.415   8.117   1.00 47.79 ? 92  HOH A O     1 
HETATM 393 O  O     . HOH J 5 . ? 9.007   -1.255  7.839   1.00 59.60 ? 93  HOH A O     1 
HETATM 394 O  O     . HOH J 5 . ? 8.047   6.731   5.100   1.00 45.30 ? 94  HOH A O     1 
HETATM 395 O  O     . HOH J 5 . ? 1.203   5.672   6.610   1.00 30.97 ? 95  HOH A O     1 
HETATM 396 O  O     . HOH J 5 . ? 8.827   -9.618  4.439   1.00 42.00 ? 96  HOH A O     1 
HETATM 397 O  O     . HOH J 5 . ? 3.658   -12.196 8.492   1.00 50.87 ? 97  HOH A O     1 
HETATM 398 O  O     . HOH J 5 . ? -5.951  12.920  -7.252  1.00 66.56 ? 98  HOH A O     1 
HETATM 399 O  O     . HOH J 5 . ? -6.519  -5.396  0.868   1.00 48.26 ? 99  HOH A O     1 
HETATM 400 O  O     . HOH J 5 . ? 2.483   8.307   8.652   1.00 58.38 ? 100 HOH A O     1 
HETATM 401 O  O     . HOH J 5 . ? 9.866   -7.489  6.247   1.00 66.49 ? 103 HOH A O     1 
HETATM 402 O  O     . HOH J 5 . ? -10.101 -0.044  9.311   1.00 41.46 ? 106 HOH A O     1 
HETATM 403 O  O     . HOH J 5 . ? -9.059  1.777   5.113   1.00 15.36 ? 107 HOH A O     1 
HETATM 404 O  O     . HOH J 5 . ? -7.967  -1.685  6.476   1.00 16.47 ? 108 HOH A O     1 
HETATM 405 O  O     . HOH J 5 . ? 4.518   -4.356  10.989  1.00 13.94 ? 113 HOH A O     1 
HETATM 406 O  O     . HOH J 5 . ? 5.079   -7.342  8.559   1.00 16.17 ? 114 HOH A O     1 
HETATM 407 O  O     . HOH J 5 . ? 6.614   -5.258  9.517   1.00 17.13 ? 115 HOH A O     1 
HETATM 408 O  O     . HOH J 5 . ? 5.157   -6.831  11.140  1.00 14.39 ? 116 HOH A O     1 
HETATM 409 O  O     . HOH J 5 . ? 2.918   -6.367  9.871   1.00 15.08 ? 117 HOH A O     1 
HETATM 410 O  O     . HOH J 5 . ? 4.175   5.130   8.835   1.00 20.85 ? 118 HOH A O     1 
HETATM 411 O  O     . HOH J 5 . ? 6.349   1.969   9.369   1.00 19.56 ? 119 HOH A O     1 
HETATM 412 O  O     . HOH J 5 . ? 6.775   4.587   8.794   1.00 20.73 ? 120 HOH A O     1 
HETATM 413 O  O     . HOH J 5 . ? 5.296   3.850   10.861  1.00 19.84 ? 121 HOH A O     1 
HETATM 414 O  O     . HOH J 5 . ? 3.574   2.478   9.348   1.00 20.58 ? 122 HOH A O     1 
HETATM 415 O  O     . HOH K 5 . ? -10.594 -2.508  0.038   1.00 30.88 ? 20  HOH B O     1 
HETATM 416 O  O     . HOH K 5 . ? -1.862  6.292   -9.716  1.00 40.35 ? 21  HOH B O     1 
HETATM 417 O  O     . HOH K 5 . ? 3.553   -0.525  -9.983  1.00 15.04 ? 26  HOH B O     1 
HETATM 418 O  O     . HOH K 5 . ? -0.773  -5.521  -7.109  1.00 30.30 ? 28  HOH B O     1 
HETATM 419 O  O     . HOH K 5 . ? -12.043 -5.261  -0.968  1.00 36.07 ? 33  HOH B O     1 
HETATM 420 O  O     . HOH K 5 . ? 12.506  -1.728  -9.000  1.00 36.79 ? 40  HOH B O     1 
HETATM 421 O  O     . HOH K 5 . ? 9.884   3.036   -2.160  1.00 28.79 ? 43  HOH B O     1 
HETATM 422 O  O     . HOH K 5 . ? 8.435   5.110   0.382   1.00 50.19 ? 45  HOH B O     1 
HETATM 423 O  O     . HOH K 5 . ? 8.971   3.520   -4.845  1.00 25.00 ? 46  HOH B O     1 
HETATM 424 O  O     . HOH K 5 . ? 6.567   3.792   -3.647  1.00 18.43 ? 49  HOH B O     1 
HETATM 425 O  O     . HOH K 5 . ? -2.859  -2.945  -8.463  1.00 37.37 ? 53  HOH B O     1 
HETATM 426 O  O     . HOH K 5 . ? -7.834  -9.079  -0.296  1.00 37.16 ? 54  HOH B O     1 
HETATM 427 O  O     . HOH K 5 . ? -15.953 2.769   -0.160  1.00 33.24 ? 55  HOH B O     1 
HETATM 428 O  O     . HOH K 5 . ? 2.039   3.925   -11.905 1.00 25.17 ? 63  HOH B O     1 
HETATM 429 O  O     . HOH K 5 . ? 15.743  -0.632  -0.388  1.00 46.23 ? 67  HOH B O     1 
HETATM 430 O  O     . HOH K 5 . ? -9.567  -8.872  -5.878  1.00 29.49 ? 77  HOH B O     1 
HETATM 431 O  O     . HOH K 5 . ? -8.802  6.638   7.433   1.00 31.52 ? 78  HOH B O     1 
HETATM 432 O  O     . HOH K 5 . ? -12.198 2.068   6.420   1.00 34.99 ? 79  HOH B O     1 
HETATM 433 O  O     . HOH K 5 . ? 16.508  -1.830  -3.393  1.00 46.12 ? 80  HOH B O     1 
HETATM 434 O  O     . HOH K 5 . ? -8.959  3.978   7.826   1.00 40.43 ? 82  HOH B O     1 
HETATM 435 O  O     . HOH K 5 . ? -16.440 1.835   2.387   1.00 19.79 ? 85  HOH B O     1 
HETATM 436 O  O     . HOH K 5 . ? 11.994  -4.406  -0.999  1.00 32.29 ? 86  HOH B O     1 
HETATM 437 O  O     . HOH K 5 . ? 13.255  0.885   -0.444  1.00 46.25 ? 88  HOH B O     1 
HETATM 438 O  O     . HOH K 5 . ? -14.767 1.362   4.541   1.00 31.38 ? 89  HOH B O     1 
HETATM 439 O  O     . HOH K 5 . ? 13.547  -1.536  2.528   1.00 50.52 ? 90  HOH B O     1 
HETATM 440 O  O     . HOH K 5 . ? 11.983  -1.902  0.181   1.00 43.39 ? 91  HOH B O     1 
HETATM 441 O  O     . HOH K 5 . ? -2.372  -3.634  -5.192  1.00 35.52 ? 101 HOH B O     1 
HETATM 442 O  O     . HOH K 5 . ? -6.621  3.873   -8.971  1.00 39.20 ? 102 HOH B O     1 
HETATM 443 O  O     . HOH K 5 . ? -4.733  -3.801  -6.648  1.00 44.50 ? 104 HOH B O     1 
HETATM 444 O  O     . HOH K 5 . ? -3.894  4.058   -10.029 1.00 39.02 ? 105 HOH B O     1 
HETATM 445 O  O     . HOH K 5 . ? -8.699  -0.686  4.015   1.00 15.67 ? 109 HOH B O     1 
HETATM 446 O  O     . HOH K 5 . ? -10.281 -0.289  6.220   1.00 15.48 ? 110 HOH B O     1 
HETATM 447 O  O     . HOH K 5 . ? -8.131  0.792   7.487   1.00 17.50 ? 111 HOH B O     1 
HETATM 448 O  O     . HOH K 5 . ? -6.641  0.576   5.298   1.00 16.27 ? 112 HOH B O     1 
# 
